data_6RQZ
#
_entry.id   6RQZ
#
_cell.length_a   75.620
_cell.length_b   89.989
_cell.length_c   82.932
_cell.angle_alpha   90.000
_cell.angle_beta   101.840
_cell.angle_gamma   90.000
#
_symmetry.space_group_name_H-M   'P 1 21 1'
#
loop_
_entity.id
_entity.type
_entity.pdbx_description
1 polymer 'Alpha-mannosidase 2'
2 non-polymer 1,2-ETHANEDIOL
3 non-polymer 'SUCCINIC ACID'
4 non-polymer (1~{R},2~{S},3~{R},4~{R},5~{S},6~{R})-5-azanyl-6-(hydroxymethyl)cyclohexane-1,2,3,4-tetrol
5 non-polymer 'ZINC ION'
6 water water
#
_entity_poly.entity_id   1
_entity_poly.type   'polypeptide(L)'
_entity_poly.pdbx_seq_one_letter_code
;DDPIRPPLKVARSPRPGQCQDVVQDVPNVDVQMLELYDRMSFKDIDGGVWKQGWNIKYDPLKYNAHHKLKVFVVPHSHND
PGWIQTFEEYYQHDTKHILSNALRHLHDNPEMKFIWAEISYFARFYHDLGENKKLQMKSIVKNGQLEFVTGGWVMPDEAN
SHWRNVLLQLTEGQTWLKQFMNVTPTASWAIDPFGHSPTMPYILQKSGFKNMLIQRTHYSVKKELAQQRQLEFLWRQIWD
NKGDTALFTHMMPFYSYDIPHTCGPDPKVCCQFDFKRMGSFGLSCPWKVPPRTISDQNVAARSDLLVDQWKKKAELYRTN
VLLIPLGDDFRFKQNTEWDVQRVNYERLFEHINSQAHFNVQAQFGTLQEYFDAVHQAERAGQAEFPTLSGDFFTYADRSD
NYWSGYYTSRPYHKRMDRVLMHYVRAAEMLSAWHSWDGMARIEERLEQARRELSLFQHHDGITGTAKTHVVVDYEQRMQE
ALKACQMVMQQSVYRLLTKPSIYSPDFSFSYFTLDDSRWPGSGVEDSRTTIILGEDILPSKHVVMHNTLPHWREQLVDFY
VSSPFVSVTDLANNPVEAQVSPVWSWHHDTLTKTIHPQGSTTKYRIIFKARVPPMGLATYVLTISDSKPEHTSYASNLLL
RKNPTSLPLGQYPEDVKFGDPREISLRVGNGPTLAFSEQGLLKSIQLTQDSPHVPVHFKFLKYGVRSHGDRSGAYLFLPN
GPASPVELGQPVVLVTKGKLESSVSVGLPSVVHQTIMRGGAPEIRNLVDIGSLDNTEIVMRLETHIDSGDIFYTDLNGLQ
FIKRRRLDKLPLQANYYPIPSGMFIEDANTRLTLLTGQPLGGSSLASGELEIMQDRRLASDDERGLGQGVLDNKPVLHIY
RLVLEKVNNCVRPSELHPAGYLTSAAHKASQSLLDPLDKFIFAENEWIGAQGQFGGDHPSAREDLDVSVMRRLTKSSAKT
QRVGYVLHRTNLMQCGTPEEHTQKLDVCHLLPNVARCERTTLTFLQNLEHLDGMVAPEVCPMETAAYVSSHSS
;
_entity_poly.pdbx_strand_id   A
#
# COMPACT_ATOMS: atom_id res chain seq x y z
N CYS A 19 27.50 -3.12 8.49
CA CYS A 19 26.09 -2.58 8.55
C CYS A 19 25.96 -1.55 9.67
N GLN A 20 25.28 -0.42 9.41
CA GLN A 20 24.84 0.55 10.46
C GLN A 20 23.96 -0.17 11.50
N ASP A 21 24.08 0.22 12.77
CA ASP A 21 23.22 -0.31 13.85
C ASP A 21 21.99 0.60 13.92
N VAL A 22 20.81 0.06 13.63
CA VAL A 22 19.59 0.89 13.46
C VAL A 22 18.81 0.93 14.77
N VAL A 23 19.39 0.44 15.87
CA VAL A 23 18.71 0.41 17.20
C VAL A 23 19.34 1.39 18.20
N GLN A 24 20.66 1.34 18.37
CA GLN A 24 21.37 2.03 19.49
C GLN A 24 21.61 3.51 19.18
N ASP A 25 22.01 3.84 17.96
CA ASP A 25 22.39 5.23 17.57
C ASP A 25 21.18 5.99 17.00
N VAL A 26 20.81 7.09 17.64
CA VAL A 26 19.71 7.99 17.21
C VAL A 26 20.29 8.98 16.20
N PRO A 27 19.75 9.06 14.96
CA PRO A 27 20.26 10.06 14.03
C PRO A 27 20.08 11.49 14.56
N ASN A 28 21.08 12.32 14.24
CA ASN A 28 21.07 13.77 14.53
C ASN A 28 20.58 14.49 13.27
N VAL A 29 19.33 14.93 13.25
CA VAL A 29 18.77 15.72 12.12
C VAL A 29 18.36 17.10 12.62
N ASP A 30 18.23 18.04 11.68
CA ASP A 30 17.76 19.43 11.93
C ASP A 30 16.28 19.43 12.29
N VAL A 31 15.49 18.61 11.56
CA VAL A 31 14.03 18.56 11.76
C VAL A 31 13.67 17.11 11.94
N GLN A 32 13.10 16.80 13.09
CA GLN A 32 12.58 15.46 13.37
C GLN A 32 11.08 15.60 13.57
N MET A 33 10.26 15.07 12.65
CA MET A 33 8.86 15.48 12.66
C MET A 33 8.08 15.15 13.94
N LEU A 34 8.41 14.07 14.65
CA LEU A 34 7.69 13.78 15.94
C LEU A 34 8.04 14.89 16.96
N GLU A 35 9.31 15.23 17.02
CA GLU A 35 9.79 16.30 17.93
C GLU A 35 9.14 17.61 17.51
N LEU A 36 9.11 17.90 16.21
CA LEU A 36 8.49 19.17 15.79
C LEU A 36 7.02 19.17 16.18
N TYR A 37 6.28 18.08 15.99
CA TYR A 37 4.85 18.06 16.36
C TYR A 37 4.64 18.37 17.86
N ASP A 38 5.53 17.88 18.73
CA ASP A 38 5.37 18.02 20.21
C ASP A 38 5.51 19.51 20.57
N ARG A 39 6.31 20.26 19.81
CA ARG A 39 6.61 21.70 20.01
C ARG A 39 5.57 22.61 19.40
N MET A 40 4.94 22.19 18.31
CA MET A 40 4.11 23.11 17.50
CA MET A 40 4.08 23.08 17.50
C MET A 40 2.81 23.44 18.23
N SER A 41 2.33 24.67 18.04
CA SER A 41 1.05 25.08 18.64
C SER A 41 -0.12 24.79 17.70
N PHE A 42 0.13 24.52 16.40
CA PHE A 42 -0.96 24.26 15.41
C PHE A 42 -2.03 25.37 15.41
N LYS A 43 -1.67 26.62 15.72
CA LYS A 43 -2.73 27.68 15.71
C LYS A 43 -3.20 27.92 14.29
N ASP A 44 -4.50 28.14 14.10
CA ASP A 44 -5.13 28.37 12.78
C ASP A 44 -5.55 29.85 12.67
N ILE A 45 -4.55 30.73 12.63
CA ILE A 45 -4.68 32.22 12.57
C ILE A 45 -4.86 32.62 11.11
N ASP A 46 -5.66 33.64 10.86
CA ASP A 46 -5.79 34.31 9.55
C ASP A 46 -4.51 35.11 9.32
N GLY A 47 -3.70 34.70 8.35
CA GLY A 47 -2.40 35.32 8.06
C GLY A 47 -2.49 36.42 7.00
N GLY A 48 -3.70 36.75 6.52
CA GLY A 48 -3.93 37.76 5.48
C GLY A 48 -4.11 37.09 4.13
N VAL A 49 -3.55 37.65 3.07
CA VAL A 49 -3.80 37.13 1.69
C VAL A 49 -3.29 35.70 1.61
N TRP A 50 -2.21 35.40 2.31
CA TRP A 50 -1.72 34.01 2.52
C TRP A 50 -2.41 33.58 3.80
N LYS A 51 -3.56 32.94 3.65
CA LYS A 51 -4.50 32.76 4.79
C LYS A 51 -3.83 31.93 5.89
N GLN A 52 -2.98 30.98 5.54
CA GLN A 52 -2.38 30.07 6.53
C GLN A 52 -0.91 30.39 6.73
N GLY A 53 -0.44 31.57 6.33
CA GLY A 53 0.94 31.95 6.57
C GLY A 53 0.99 33.34 7.19
N TRP A 54 1.76 34.23 6.60
CA TRP A 54 1.93 35.62 7.11
C TRP A 54 2.18 36.55 5.93
N ASN A 55 2.19 37.87 6.16
CA ASN A 55 2.53 38.86 5.10
C ASN A 55 4.03 38.86 4.83
N ILE A 56 4.46 38.24 3.74
CA ILE A 56 5.90 38.07 3.45
C ILE A 56 6.46 39.45 3.09
N LYS A 57 7.65 39.73 3.59
CA LYS A 57 8.46 40.90 3.19
C LYS A 57 9.78 40.41 2.63
N TYR A 58 10.28 41.15 1.64
CA TYR A 58 11.66 40.95 1.15
C TYR A 58 12.37 42.30 1.12
N ASP A 59 13.68 42.22 1.26
CA ASP A 59 14.63 43.33 1.05
C ASP A 59 14.82 43.50 -0.45
N PRO A 60 14.30 44.59 -1.04
CA PRO A 60 14.50 44.80 -2.48
C PRO A 60 15.98 44.84 -2.90
N LEU A 61 16.92 45.18 -2.00
CA LEU A 61 18.37 45.23 -2.35
C LEU A 61 18.99 43.83 -2.32
N LYS A 62 18.25 42.79 -1.93
CA LYS A 62 18.71 41.38 -2.04
C LYS A 62 19.15 41.10 -3.47
N TYR A 63 18.47 41.71 -4.43
CA TYR A 63 18.68 41.45 -5.87
C TYR A 63 19.37 42.63 -6.51
N ASN A 64 20.36 42.32 -7.35
CA ASN A 64 21.08 43.37 -8.11
C ASN A 64 21.70 42.66 -9.32
N ALA A 65 22.45 43.40 -10.14
CA ALA A 65 22.92 42.91 -11.45
C ALA A 65 23.78 41.64 -11.29
N HIS A 66 24.42 41.46 -10.13
CA HIS A 66 25.38 40.35 -9.84
C HIS A 66 24.70 39.24 -9.04
N HIS A 67 23.47 39.47 -8.58
CA HIS A 67 22.64 38.47 -7.84
C HIS A 67 21.17 38.58 -8.25
N LYS A 68 20.87 37.90 -9.34
CA LYS A 68 19.53 37.94 -9.93
C LYS A 68 18.69 36.77 -9.43
N LEU A 69 17.39 36.93 -9.52
CA LEU A 69 16.49 35.79 -9.27
C LEU A 69 16.27 35.07 -10.61
N LYS A 70 16.54 33.77 -10.63
CA LYS A 70 16.29 32.94 -11.81
C LYS A 70 14.97 32.18 -11.58
N VAL A 71 14.01 32.39 -12.47
CA VAL A 71 12.64 31.85 -12.31
C VAL A 71 12.35 30.85 -13.43
N PHE A 72 11.97 29.63 -13.03
CA PHE A 72 11.55 28.60 -13.98
C PHE A 72 10.04 28.40 -13.84
N VAL A 73 9.33 28.72 -14.90
CA VAL A 73 7.88 28.48 -14.98
C VAL A 73 7.70 27.10 -15.63
N VAL A 74 7.11 26.16 -14.90
CA VAL A 74 7.07 24.74 -15.32
C VAL A 74 5.63 24.35 -15.63
N PRO A 75 5.22 24.31 -16.91
CA PRO A 75 3.87 23.91 -17.27
C PRO A 75 3.61 22.43 -16.99
N HIS A 76 2.41 22.15 -16.51
CA HIS A 76 2.02 20.80 -16.09
C HIS A 76 0.53 20.61 -16.20
N SER A 77 0.10 19.35 -16.11
CA SER A 77 -1.33 18.99 -16.17
C SER A 77 -1.53 17.79 -15.25
N HIS A 78 -2.36 17.94 -14.22
CA HIS A 78 -2.58 16.83 -13.27
C HIS A 78 -3.67 15.90 -13.85
N ASN A 79 -3.31 14.65 -14.15
CA ASN A 79 -4.23 13.72 -14.85
C ASN A 79 -4.43 12.54 -13.88
N ASP A 80 -5.66 12.32 -13.47
CA ASP A 80 -6.00 11.16 -12.64
C ASP A 80 -6.33 9.95 -13.48
N PRO A 81 -5.67 8.77 -13.26
CA PRO A 81 -6.03 7.52 -13.89
C PRO A 81 -7.23 6.88 -13.19
N GLY A 82 -8.30 7.60 -13.11
CA GLY A 82 -9.54 7.20 -12.44
C GLY A 82 -9.80 8.15 -11.32
N TRP A 83 -11.00 8.73 -11.27
CA TRP A 83 -11.48 9.50 -10.11
C TRP A 83 -12.98 9.77 -10.29
N ILE A 84 -13.33 10.83 -11.04
CA ILE A 84 -14.73 11.16 -11.43
C ILE A 84 -15.14 10.31 -12.63
N GLN A 85 -14.19 10.02 -13.52
N GLN A 85 -14.18 9.98 -13.48
CA GLN A 85 -14.37 9.15 -14.69
CA GLN A 85 -14.38 9.14 -14.68
C GLN A 85 -13.47 7.93 -14.51
C GLN A 85 -13.37 7.98 -14.61
N THR A 86 -13.66 6.92 -15.33
CA THR A 86 -12.71 5.78 -15.40
C THR A 86 -11.47 6.21 -16.16
N PHE A 87 -10.42 5.38 -16.09
CA PHE A 87 -9.20 5.56 -16.87
C PHE A 87 -9.59 5.80 -18.34
N GLU A 88 -10.39 4.90 -18.88
CA GLU A 88 -10.66 4.91 -20.34
C GLU A 88 -11.53 6.14 -20.69
N GLU A 89 -12.47 6.53 -19.84
CA GLU A 89 -13.33 7.73 -20.08
C GLU A 89 -12.44 8.98 -20.09
N TYR A 90 -11.57 9.15 -19.12
CA TYR A 90 -10.66 10.32 -19.08
C TYR A 90 -9.73 10.31 -20.30
N TYR A 91 -9.22 9.13 -20.66
CA TYR A 91 -8.30 9.02 -21.80
C TYR A 91 -8.97 9.58 -23.06
N GLN A 92 -10.19 9.13 -23.30
CA GLN A 92 -10.92 9.42 -24.57
C GLN A 92 -11.38 10.86 -24.51
N HIS A 93 -11.80 11.37 -23.35
CA HIS A 93 -12.43 12.73 -23.24
C HIS A 93 -11.41 13.83 -22.97
N ASP A 94 -10.26 13.50 -22.40
CA ASP A 94 -9.38 14.56 -21.88
C ASP A 94 -7.93 14.25 -22.24
N THR A 95 -7.35 13.18 -21.66
CA THR A 95 -5.91 13.00 -21.66
C THR A 95 -5.35 12.82 -23.09
N LYS A 96 -6.04 12.12 -23.96
CA LYS A 96 -5.45 11.95 -25.31
C LYS A 96 -5.35 13.31 -26.03
N HIS A 97 -6.26 14.24 -25.73
CA HIS A 97 -6.22 15.58 -26.36
C HIS A 97 -5.12 16.43 -25.73
N ILE A 98 -4.93 16.30 -24.40
CA ILE A 98 -3.81 16.97 -23.73
C ILE A 98 -2.50 16.53 -24.39
N LEU A 99 -2.29 15.21 -24.55
CA LEU A 99 -1.01 14.74 -25.07
C LEU A 99 -0.87 15.06 -26.56
N SER A 100 -1.93 14.97 -27.33
CA SER A 100 -1.90 15.34 -28.75
CA SER A 100 -1.94 15.35 -28.76
C SER A 100 -1.55 16.84 -28.90
N ASN A 101 -2.17 17.69 -28.10
CA ASN A 101 -1.81 19.15 -28.12
C ASN A 101 -0.40 19.41 -27.59
N ALA A 102 0.08 18.69 -26.56
CA ALA A 102 1.45 18.82 -26.08
C ALA A 102 2.43 18.52 -27.24
N LEU A 103 2.19 17.44 -27.96
CA LEU A 103 3.10 17.01 -29.04
C LEU A 103 3.16 18.14 -30.08
N ARG A 104 2.02 18.59 -30.54
CA ARG A 104 1.94 19.65 -31.59
C ARG A 104 2.56 20.94 -31.06
N HIS A 105 2.13 21.43 -29.88
CA HIS A 105 2.60 22.76 -29.40
C HIS A 105 4.08 22.76 -29.07
N LEU A 106 4.61 21.70 -28.44
CA LEU A 106 6.04 21.64 -28.10
C LEU A 106 6.84 21.54 -29.41
N HIS A 107 6.38 20.72 -30.35
CA HIS A 107 7.06 20.63 -31.67
C HIS A 107 7.15 22.04 -32.30
N ASP A 108 6.06 22.80 -32.27
CA ASP A 108 5.95 24.11 -32.98
C ASP A 108 6.68 25.23 -32.21
N ASN A 109 6.93 25.07 -30.90
CA ASN A 109 7.42 26.14 -30.00
C ASN A 109 8.55 25.59 -29.16
N PRO A 110 9.82 25.57 -29.68
CA PRO A 110 10.95 24.92 -29.02
C PRO A 110 11.28 25.40 -27.61
N GLU A 111 10.84 26.62 -27.27
CA GLU A 111 11.12 27.23 -25.96
C GLU A 111 10.06 26.78 -24.94
N MET A 112 8.94 26.29 -25.41
CA MET A 112 7.84 25.82 -24.52
C MET A 112 8.29 24.50 -23.89
N LYS A 113 7.83 24.26 -22.68
CA LYS A 113 8.24 23.07 -21.90
C LYS A 113 6.99 22.50 -21.23
N PHE A 114 7.06 21.24 -20.82
CA PHE A 114 5.92 20.53 -20.21
C PHE A 114 6.46 19.32 -19.46
N ILE A 115 5.92 19.06 -18.26
CA ILE A 115 6.30 17.86 -17.48
C ILE A 115 5.10 16.93 -17.44
N TRP A 116 5.40 15.63 -17.38
CA TRP A 116 4.38 14.56 -17.43
C TRP A 116 4.69 13.47 -16.41
N ALA A 117 3.73 13.10 -15.57
CA ALA A 117 3.91 12.12 -14.49
C ALA A 117 3.35 10.72 -14.83
N GLU A 118 2.16 10.61 -15.40
CA GLU A 118 1.43 9.31 -15.33
C GLU A 118 1.74 8.46 -16.58
N ILE A 119 2.55 7.44 -16.45
CA ILE A 119 2.98 6.68 -17.63
C ILE A 119 1.86 5.77 -18.11
N SER A 120 0.93 5.34 -17.26
CA SER A 120 -0.26 4.57 -17.70
C SER A 120 -0.90 5.30 -18.89
N TYR A 121 -1.16 6.58 -18.75
CA TYR A 121 -1.76 7.39 -19.85
C TYR A 121 -0.78 7.55 -21.00
N PHE A 122 0.48 7.85 -20.73
CA PHE A 122 1.43 8.15 -21.80
C PHE A 122 1.60 6.92 -22.69
N ALA A 123 1.72 5.75 -22.07
CA ALA A 123 1.91 4.49 -22.83
C ALA A 123 0.66 4.23 -23.65
N ARG A 124 -0.54 4.46 -23.13
CA ARG A 124 -1.82 4.25 -23.88
C ARG A 124 -1.80 5.16 -25.13
N PHE A 125 -1.39 6.40 -24.96
CA PHE A 125 -1.35 7.41 -26.03
C PHE A 125 -0.32 7.03 -27.09
N TYR A 126 0.87 6.69 -26.68
CA TYR A 126 2.02 6.47 -27.59
CA TYR A 126 2.02 6.46 -27.58
C TYR A 126 1.72 5.26 -28.47
N HIS A 127 1.06 4.23 -27.95
N HIS A 127 1.09 4.23 -27.90
CA HIS A 127 0.81 2.99 -28.73
CA HIS A 127 0.68 2.98 -28.62
C HIS A 127 -0.37 3.23 -29.72
C HIS A 127 -0.19 3.39 -29.82
N ASP A 128 -1.15 4.30 -29.60
CA ASP A 128 -2.18 4.69 -30.59
C ASP A 128 -1.58 5.63 -31.65
N LEU A 129 -0.36 6.15 -31.53
CA LEU A 129 0.24 7.11 -32.50
C LEU A 129 0.69 6.39 -33.79
N GLY A 130 0.59 7.07 -34.95
CA GLY A 130 1.26 6.58 -36.16
C GLY A 130 2.76 6.71 -36.03
N GLU A 131 3.51 6.07 -36.92
CA GLU A 131 4.99 5.99 -36.83
C GLU A 131 5.60 7.38 -36.88
N ASN A 132 5.07 8.32 -37.67
CA ASN A 132 5.74 9.64 -37.79
C ASN A 132 5.55 10.43 -36.47
N LYS A 133 4.35 10.39 -35.90
CA LYS A 133 4.05 11.07 -34.61
C LYS A 133 4.87 10.43 -33.50
N LYS A 134 5.12 9.11 -33.50
CA LYS A 134 6.03 8.47 -32.51
C LYS A 134 7.40 9.11 -32.60
N LEU A 135 7.91 9.30 -33.84
CA LEU A 135 9.24 9.90 -34.03
C LEU A 135 9.24 11.33 -33.49
N GLN A 136 8.22 12.13 -33.79
CA GLN A 136 8.18 13.55 -33.32
C GLN A 136 8.12 13.55 -31.78
N MET A 137 7.43 12.57 -31.20
CA MET A 137 7.33 12.48 -29.72
C MET A 137 8.72 12.15 -29.16
N LYS A 138 9.40 11.16 -29.74
CA LYS A 138 10.75 10.79 -29.25
C LYS A 138 11.64 12.04 -29.28
N SER A 139 11.49 12.87 -30.29
CA SER A 139 12.38 14.04 -30.54
C SER A 139 12.15 15.14 -29.48
N ILE A 140 10.90 15.40 -29.09
CA ILE A 140 10.65 16.43 -28.04
C ILE A 140 11.00 15.88 -26.66
N VAL A 141 11.09 14.56 -26.49
CA VAL A 141 11.63 13.98 -25.22
C VAL A 141 13.15 14.05 -25.26
N LYS A 142 13.75 13.59 -26.37
CA LYS A 142 15.22 13.59 -26.49
C LYS A 142 15.77 15.00 -26.25
N ASN A 143 15.10 16.07 -26.74
CA ASN A 143 15.59 17.47 -26.70
C ASN A 143 15.21 18.10 -25.34
N GLY A 144 14.49 17.36 -24.50
CA GLY A 144 14.17 17.82 -23.13
C GLY A 144 12.97 18.75 -23.05
N GLN A 145 12.21 19.00 -24.11
CA GLN A 145 11.02 19.88 -23.98
C GLN A 145 9.94 19.22 -23.13
N LEU A 146 9.65 17.96 -23.43
CA LEU A 146 8.70 17.15 -22.65
C LEU A 146 9.55 16.31 -21.72
N GLU A 147 9.39 16.48 -20.42
CA GLU A 147 10.20 15.83 -19.39
C GLU A 147 9.29 14.98 -18.53
N PHE A 148 9.60 13.70 -18.38
CA PHE A 148 8.86 12.83 -17.44
C PHE A 148 9.38 13.04 -16.05
N VAL A 149 8.43 13.11 -15.13
CA VAL A 149 8.73 13.34 -13.71
C VAL A 149 8.19 12.12 -12.95
N THR A 150 9.00 11.52 -12.10
CA THR A 150 8.77 10.22 -11.43
C THR A 150 8.77 9.11 -12.49
N GLY A 151 7.84 9.09 -13.42
CA GLY A 151 7.79 8.04 -14.45
C GLY A 151 7.16 6.75 -13.92
N GLY A 152 6.41 6.78 -12.83
CA GLY A 152 5.59 5.65 -12.42
C GLY A 152 4.39 5.45 -13.31
N TRP A 153 3.77 4.29 -13.20
CA TRP A 153 2.49 4.03 -13.86
C TRP A 153 1.47 5.08 -13.44
N VAL A 154 1.48 5.41 -12.16
CA VAL A 154 0.58 6.39 -11.53
C VAL A 154 1.41 7.29 -10.61
N MET A 155 0.70 8.20 -9.96
CA MET A 155 1.20 9.00 -8.81
C MET A 155 0.54 8.40 -7.60
N PRO A 156 1.19 7.46 -6.88
CA PRO A 156 0.46 6.62 -5.96
C PRO A 156 0.05 7.37 -4.68
N ASP A 157 -0.99 6.80 -4.04
CA ASP A 157 -1.27 7.03 -2.61
C ASP A 157 0.02 6.68 -1.84
N GLU A 158 0.28 7.39 -0.75
CA GLU A 158 1.45 7.11 0.11
C GLU A 158 1.06 6.60 1.49
N ALA A 159 -0.22 6.59 1.82
CA ALA A 159 -0.71 6.14 3.15
C ALA A 159 -1.02 4.67 3.16
N ASN A 160 -1.84 4.19 2.23
CA ASN A 160 -2.39 2.81 2.27
C ASN A 160 -1.56 1.81 1.47
N SER A 161 -0.79 2.32 0.55
CA SER A 161 -0.02 1.53 -0.43
C SER A 161 1.06 0.71 0.29
N HIS A 162 1.19 -0.52 -0.11
CA HIS A 162 2.32 -1.36 0.33
C HIS A 162 3.55 -0.94 -0.47
N TRP A 163 4.72 -0.87 0.16
CA TRP A 163 5.96 -0.49 -0.54
C TRP A 163 6.20 -1.40 -1.76
N ARG A 164 5.86 -2.67 -1.66
CA ARG A 164 6.08 -3.59 -2.79
C ARG A 164 5.30 -3.09 -4.01
N ASN A 165 4.08 -2.58 -3.82
CA ASN A 165 3.25 -2.10 -4.95
C ASN A 165 3.67 -0.72 -5.40
N VAL A 166 4.20 0.10 -4.50
CA VAL A 166 4.81 1.37 -4.90
C VAL A 166 5.97 1.06 -5.87
N LEU A 167 6.84 0.11 -5.49
CA LEU A 167 7.94 -0.28 -6.37
C LEU A 167 7.42 -0.89 -7.66
N LEU A 168 6.38 -1.73 -7.59
CA LEU A 168 5.84 -2.39 -8.79
C LEU A 168 5.39 -1.32 -9.82
N GLN A 169 4.62 -0.34 -9.36
CA GLN A 169 4.09 0.67 -10.30
C GLN A 169 5.21 1.58 -10.82
N LEU A 170 6.19 1.93 -10.00
CA LEU A 170 7.36 2.70 -10.46
C LEU A 170 8.07 1.93 -11.56
N THR A 171 8.26 0.64 -11.31
CA THR A 171 8.97 -0.25 -12.25
C THR A 171 8.18 -0.36 -13.55
N GLU A 172 6.85 -0.48 -13.50
CA GLU A 172 6.02 -0.64 -14.71
C GLU A 172 6.23 0.60 -15.58
N GLY A 173 6.18 1.80 -14.97
CA GLY A 173 6.29 3.03 -15.75
C GLY A 173 7.69 3.23 -16.26
N GLN A 174 8.69 3.04 -15.40
CA GLN A 174 10.09 3.30 -15.78
C GLN A 174 10.56 2.26 -16.80
N THR A 175 10.09 1.02 -16.74
CA THR A 175 10.53 0.00 -17.71
C THR A 175 9.99 0.43 -19.08
N TRP A 176 8.74 0.89 -19.13
CA TRP A 176 8.14 1.37 -20.37
C TRP A 176 8.94 2.56 -20.91
N LEU A 177 9.24 3.53 -20.05
CA LEU A 177 9.97 4.74 -20.50
C LEU A 177 11.36 4.35 -21.02
N LYS A 178 12.05 3.42 -20.35
CA LYS A 178 13.40 3.04 -20.84
C LYS A 178 13.27 2.39 -22.25
N GLN A 179 12.33 1.50 -22.42
CA GLN A 179 12.18 0.71 -23.66
C GLN A 179 11.81 1.64 -24.80
N PHE A 180 10.89 2.58 -24.61
CA PHE A 180 10.24 3.31 -25.72
C PHE A 180 10.79 4.73 -25.83
N MET A 181 11.19 5.39 -24.74
CA MET A 181 11.64 6.80 -24.79
C MET A 181 13.13 6.91 -24.45
N ASN A 182 13.75 5.82 -24.01
CA ASN A 182 15.18 5.78 -23.64
C ASN A 182 15.49 6.88 -22.60
N VAL A 183 14.61 7.04 -21.60
CA VAL A 183 14.84 8.01 -20.49
C VAL A 183 14.46 7.32 -19.18
N THR A 184 15.13 7.74 -18.10
CA THR A 184 14.85 7.31 -16.73
C THR A 184 14.85 8.54 -15.84
N PRO A 185 13.65 9.00 -15.43
CA PRO A 185 13.59 10.17 -14.58
C PRO A 185 14.38 10.02 -13.28
N THR A 186 14.99 11.13 -12.84
CA THR A 186 15.67 11.22 -11.56
C THR A 186 15.05 12.25 -10.64
N ALA A 187 13.97 12.91 -11.05
CA ALA A 187 13.24 13.87 -10.22
C ALA A 187 11.81 13.33 -10.13
N SER A 188 11.27 13.35 -8.93
CA SER A 188 9.90 12.88 -8.65
C SER A 188 8.98 14.08 -8.36
N TRP A 189 7.73 13.97 -8.81
CA TRP A 189 6.65 15.00 -8.71
C TRP A 189 5.42 14.36 -8.09
N ALA A 190 5.04 14.73 -6.85
CA ALA A 190 3.87 14.12 -6.18
C ALA A 190 3.04 15.24 -5.57
N ILE A 191 2.13 15.78 -6.34
CA ILE A 191 1.40 17.02 -5.98
C ILE A 191 0.04 16.77 -5.41
N ASP A 192 -0.55 15.59 -5.52
CA ASP A 192 -1.93 15.34 -5.05
C ASP A 192 -2.11 14.27 -3.97
N PRO A 193 -1.19 13.36 -3.63
CA PRO A 193 -1.52 12.38 -2.59
C PRO A 193 -1.76 13.10 -1.26
N PHE A 194 -2.53 12.47 -0.38
CA PHE A 194 -3.10 13.21 0.76
C PHE A 194 -2.22 12.99 2.00
N GLY A 195 -1.11 13.67 1.99
CA GLY A 195 -0.02 13.42 2.93
C GLY A 195 1.09 12.59 2.30
N HIS A 196 2.27 12.59 2.90
CA HIS A 196 3.47 12.00 2.28
C HIS A 196 4.23 11.09 3.22
N SER A 197 4.79 10.03 2.66
CA SER A 197 5.52 9.00 3.43
C SER A 197 7.00 8.97 3.05
N PRO A 198 7.89 8.71 4.05
CA PRO A 198 9.31 8.55 3.73
C PRO A 198 9.64 7.26 3.02
N THR A 199 8.66 6.36 2.87
CA THR A 199 8.85 5.19 1.97
C THR A 199 9.18 5.67 0.56
N MET A 200 8.65 6.82 0.11
CA MET A 200 8.90 7.25 -1.26
C MET A 200 10.37 7.61 -1.46
N PRO A 201 11.00 8.50 -0.68
CA PRO A 201 12.44 8.74 -0.85
C PRO A 201 13.24 7.45 -0.65
N TYR A 202 12.82 6.55 0.21
CA TYR A 202 13.53 5.26 0.42
C TYR A 202 13.62 4.52 -0.91
N ILE A 203 12.47 4.33 -1.57
CA ILE A 203 12.45 3.58 -2.84
C ILE A 203 13.11 4.40 -3.94
N LEU A 204 12.77 5.68 -4.05
CA LEU A 204 13.32 6.54 -5.13
C LEU A 204 14.87 6.58 -5.03
N GLN A 205 15.39 6.81 -3.85
CA GLN A 205 16.89 6.90 -3.69
C GLN A 205 17.57 5.58 -4.08
N LYS A 206 16.92 4.44 -3.93
CA LYS A 206 17.48 3.11 -4.33
C LYS A 206 17.13 2.80 -5.81
N SER A 207 16.49 3.74 -6.52
CA SER A 207 16.09 3.63 -7.92
C SER A 207 16.69 4.77 -8.75
N GLY A 208 17.81 5.33 -8.30
CA GLY A 208 18.58 6.29 -9.10
C GLY A 208 18.14 7.74 -8.95
N PHE A 209 17.11 8.04 -8.15
CA PHE A 209 16.65 9.43 -8.06
C PHE A 209 17.63 10.33 -7.30
N LYS A 210 17.54 11.61 -7.64
CA LYS A 210 18.38 12.67 -7.01
C LYS A 210 17.50 13.71 -6.30
N ASN A 211 16.22 13.83 -6.68
CA ASN A 211 15.37 14.93 -6.19
C ASN A 211 13.91 14.48 -6.13
N MET A 212 13.15 15.01 -5.20
CA MET A 212 11.68 14.80 -5.20
C MET A 212 10.94 16.06 -4.74
N LEU A 213 9.69 16.15 -5.16
CA LEU A 213 8.80 17.27 -4.79
C LEU A 213 7.50 16.75 -4.24
N ILE A 214 7.04 17.41 -3.18
CA ILE A 214 5.79 17.04 -2.46
C ILE A 214 4.97 18.32 -2.25
N GLN A 215 3.67 18.16 -1.99
CA GLN A 215 2.72 19.30 -1.92
C GLN A 215 1.80 19.17 -0.69
N ARG A 216 1.05 18.10 -0.51
CA ARG A 216 -0.05 18.08 0.50
C ARG A 216 0.54 17.68 1.83
N THR A 217 0.99 18.71 2.56
CA THR A 217 1.37 18.60 3.97
C THR A 217 0.51 19.58 4.78
N HIS A 218 0.37 19.27 6.05
CA HIS A 218 -0.43 20.08 6.99
C HIS A 218 -0.08 21.55 6.83
N TYR A 219 -1.11 22.37 6.76
CA TYR A 219 -0.93 23.83 6.58
C TYR A 219 -0.04 24.39 7.70
N SER A 220 -0.11 23.85 8.91
N SER A 220 -0.15 23.87 8.93
CA SER A 220 0.73 24.36 10.04
CA SER A 220 0.70 24.30 10.07
C SER A 220 2.18 23.90 9.91
C SER A 220 2.16 23.95 9.82
N VAL A 221 2.43 22.76 9.26
CA VAL A 221 3.81 22.33 8.96
C VAL A 221 4.40 23.26 7.89
N LYS A 222 3.67 23.55 6.82
CA LYS A 222 4.14 24.47 5.75
C LYS A 222 4.56 25.79 6.41
N LYS A 223 3.74 26.29 7.35
CA LYS A 223 4.07 27.60 7.95
C LYS A 223 5.35 27.47 8.76
N GLU A 224 5.42 26.47 9.61
CA GLU A 224 6.58 26.29 10.52
C GLU A 224 7.85 26.13 9.69
N LEU A 225 7.84 25.31 8.63
CA LEU A 225 9.06 25.09 7.83
C LEU A 225 9.37 26.35 7.04
N ALA A 226 8.36 27.04 6.54
CA ALA A 226 8.57 28.25 5.72
C ALA A 226 9.29 29.30 6.60
N GLN A 227 8.90 29.40 7.84
CA GLN A 227 9.45 30.43 8.78
C GLN A 227 10.96 30.24 8.90
N GLN A 228 11.45 29.00 8.80
CA GLN A 228 12.87 28.64 8.97
C GLN A 228 13.54 28.39 7.62
N ARG A 229 12.86 28.63 6.48
CA ARG A 229 13.37 28.25 5.12
C ARG A 229 13.84 26.78 5.15
N GLN A 230 12.98 25.92 5.70
CA GLN A 230 13.25 24.45 5.75
C GLN A 230 12.24 23.68 4.87
N LEU A 231 11.73 24.33 3.83
CA LEU A 231 10.86 23.65 2.83
C LEU A 231 11.67 22.81 1.86
N GLU A 232 12.98 23.04 1.70
CA GLU A 232 13.86 22.14 0.94
C GLU A 232 14.79 21.46 1.95
N PHE A 233 14.83 20.14 1.93
CA PHE A 233 15.55 19.39 2.97
C PHE A 233 16.06 18.07 2.42
N LEU A 234 17.07 17.51 3.07
CA LEU A 234 17.62 16.18 2.77
C LEU A 234 16.88 15.20 3.64
N TRP A 235 15.89 14.53 3.01
CA TRP A 235 14.94 13.65 3.74
C TRP A 235 15.59 12.26 3.86
N ARG A 236 16.00 11.91 5.07
CA ARG A 236 16.58 10.59 5.39
C ARG A 236 15.57 9.74 6.15
N GLN A 237 15.80 8.44 6.21
CA GLN A 237 14.97 7.53 7.01
C GLN A 237 15.21 7.79 8.51
N ILE A 238 14.20 7.49 9.30
CA ILE A 238 14.14 7.78 10.74
C ILE A 238 15.27 7.02 11.46
N TRP A 239 15.77 5.90 10.94
CA TRP A 239 16.81 5.07 11.62
C TRP A 239 18.20 5.36 11.05
N ASP A 240 18.33 6.20 10.03
CA ASP A 240 19.57 6.35 9.24
C ASP A 240 20.51 7.35 9.92
N ASN A 241 21.49 6.85 10.67
N ASN A 241 21.47 6.85 10.69
CA ASN A 241 22.45 7.72 11.41
CA ASN A 241 22.49 7.68 11.38
C ASN A 241 23.45 8.34 10.41
C ASN A 241 23.42 8.35 10.37
N LYS A 242 23.89 7.58 9.39
CA LYS A 242 24.96 7.99 8.44
C LYS A 242 24.43 9.03 7.44
N GLY A 243 23.20 8.87 6.93
CA GLY A 243 22.62 9.79 5.94
C GLY A 243 22.64 9.27 4.50
N ASP A 244 23.05 8.03 4.20
CA ASP A 244 23.16 7.59 2.79
C ASP A 244 21.76 7.37 2.18
N THR A 245 20.69 7.33 2.98
CA THR A 245 19.31 7.21 2.43
C THR A 245 18.83 8.59 1.97
N ALA A 246 19.53 9.68 2.26
CA ALA A 246 18.95 11.04 2.12
C ALA A 246 18.58 11.31 0.65
N LEU A 247 17.45 11.94 0.44
CA LEU A 247 17.09 12.44 -0.90
C LEU A 247 16.63 13.88 -0.76
N PHE A 248 17.17 14.75 -1.59
CA PHE A 248 16.75 16.16 -1.61
C PHE A 248 15.25 16.26 -1.94
N THR A 249 14.54 16.97 -1.10
CA THR A 249 13.07 17.11 -1.17
C THR A 249 12.69 18.58 -1.16
N HIS A 250 11.81 18.95 -2.09
CA HIS A 250 11.20 20.30 -2.22
C HIS A 250 9.72 20.19 -1.81
N MET A 251 9.32 20.82 -0.69
CA MET A 251 7.91 20.90 -0.31
C MET A 251 7.40 22.25 -0.80
N MET A 252 6.37 22.22 -1.61
N MET A 252 6.35 22.22 -1.57
CA MET A 252 5.67 23.46 -2.08
CA MET A 252 5.71 23.47 -2.05
C MET A 252 5.01 24.12 -0.87
C MET A 252 4.98 24.13 -0.88
N PRO A 253 4.91 25.47 -0.86
CA PRO A 253 4.59 26.18 0.38
C PRO A 253 3.12 26.45 0.66
N PHE A 254 2.27 26.44 -0.37
CA PHE A 254 0.91 27.06 -0.34
C PHE A 254 -0.15 25.95 -0.38
N TYR A 255 -1.39 26.37 -0.41
CA TYR A 255 -2.53 25.48 -0.12
C TYR A 255 -2.78 24.48 -1.26
N SER A 256 -2.44 24.88 -2.49
CA SER A 256 -2.76 24.07 -3.71
C SER A 256 -1.59 24.13 -4.67
N TYR A 257 -1.60 23.26 -5.67
CA TYR A 257 -0.72 23.35 -6.84
C TYR A 257 -1.38 24.08 -8.01
N ASP A 258 -2.61 24.59 -7.86
CA ASP A 258 -3.26 25.36 -8.95
C ASP A 258 -2.54 26.70 -9.14
N ILE A 259 -2.85 27.37 -10.24
CA ILE A 259 -2.09 28.59 -10.61
C ILE A 259 -2.31 29.65 -9.52
N PRO A 260 -3.53 29.86 -8.98
CA PRO A 260 -3.66 30.88 -7.92
C PRO A 260 -2.75 30.66 -6.70
N HIS A 261 -2.35 29.42 -6.43
CA HIS A 261 -1.49 29.10 -5.27
C HIS A 261 -0.04 28.72 -5.65
N THR A 262 0.42 29.09 -6.83
CA THR A 262 1.79 28.74 -7.24
C THR A 262 2.58 29.95 -7.69
N CYS A 263 2.00 31.11 -7.91
CA CYS A 263 2.84 32.26 -8.35
C CYS A 263 3.50 32.98 -7.15
N GLY A 264 2.94 32.83 -5.96
CA GLY A 264 3.27 33.67 -4.80
C GLY A 264 2.15 33.55 -3.77
N PRO A 265 2.27 34.31 -2.68
CA PRO A 265 1.36 34.12 -1.55
C PRO A 265 -0.06 34.67 -1.72
N ASP A 266 -0.33 35.56 -2.68
CA ASP A 266 -1.66 36.18 -2.78
C ASP A 266 -2.44 35.61 -3.96
N PRO A 267 -3.40 34.69 -3.72
CA PRO A 267 -4.08 34.04 -4.84
C PRO A 267 -4.96 34.98 -5.67
N LYS A 268 -5.35 36.12 -5.05
CA LYS A 268 -6.13 37.13 -5.82
C LYS A 268 -5.27 37.66 -6.97
N VAL A 269 -4.00 37.85 -6.74
CA VAL A 269 -3.02 38.28 -7.77
C VAL A 269 -2.71 37.11 -8.68
N CYS A 270 -2.32 35.96 -8.12
CA CYS A 270 -1.86 34.84 -8.98
C CYS A 270 -2.96 34.41 -9.94
N CYS A 271 -4.22 34.46 -9.52
CA CYS A 271 -5.34 34.00 -10.36
C CYS A 271 -5.37 34.79 -11.67
N GLN A 272 -4.93 36.04 -11.64
CA GLN A 272 -4.93 36.92 -12.81
C GLN A 272 -3.84 36.50 -13.82
N PHE A 273 -3.03 35.50 -13.48
CA PHE A 273 -1.96 35.00 -14.39
C PHE A 273 -2.29 33.53 -14.77
N ASP A 274 -3.53 33.12 -14.59
CA ASP A 274 -4.06 31.84 -15.16
C ASP A 274 -4.87 32.28 -16.38
N PHE A 275 -4.24 32.33 -17.54
CA PHE A 275 -4.87 33.00 -18.70
C PHE A 275 -6.02 32.18 -19.28
N LYS A 276 -6.30 30.97 -18.79
CA LYS A 276 -7.53 30.24 -19.18
C LYS A 276 -8.76 30.82 -18.49
N ARG A 277 -8.60 31.66 -17.47
CA ARG A 277 -9.75 32.17 -16.68
C ARG A 277 -10.31 33.46 -17.26
N MET A 278 -10.06 33.71 -18.52
CA MET A 278 -10.69 34.84 -19.25
C MET A 278 -11.11 34.32 -20.63
N GLY A 279 -11.87 35.12 -21.38
CA GLY A 279 -12.25 34.72 -22.74
C GLY A 279 -13.40 33.71 -22.73
N SER A 280 -13.33 32.72 -23.62
CA SER A 280 -14.47 31.83 -23.90
C SER A 280 -14.38 30.48 -23.22
N PHE A 281 -13.46 30.26 -22.27
CA PHE A 281 -13.30 28.92 -21.67
C PHE A 281 -14.32 28.63 -20.57
N GLY A 282 -15.08 29.60 -20.09
CA GLY A 282 -16.13 29.36 -19.08
C GLY A 282 -15.55 29.31 -17.66
N LEU A 283 -14.30 29.71 -17.46
CA LEU A 283 -13.69 29.71 -16.11
C LEU A 283 -13.60 31.13 -15.59
N SER A 284 -13.30 31.29 -14.33
CA SER A 284 -13.23 32.63 -13.71
C SER A 284 -12.41 32.58 -12.44
N CYS A 285 -12.16 33.75 -11.85
CA CYS A 285 -11.38 33.89 -10.62
C CYS A 285 -12.31 34.10 -9.44
N PRO A 286 -12.30 33.22 -8.43
CA PRO A 286 -13.12 33.36 -7.22
C PRO A 286 -12.86 34.65 -6.44
N TRP A 287 -11.68 35.26 -6.63
CA TRP A 287 -11.26 36.52 -5.95
C TRP A 287 -11.83 37.73 -6.72
N LYS A 288 -12.46 37.49 -7.87
CA LYS A 288 -13.31 38.42 -8.66
C LYS A 288 -12.47 39.44 -9.43
N VAL A 289 -11.17 39.26 -9.57
CA VAL A 289 -10.35 40.09 -10.47
C VAL A 289 -9.91 39.18 -11.61
N PRO A 290 -10.41 39.37 -12.83
CA PRO A 290 -10.12 38.48 -13.95
C PRO A 290 -8.70 38.70 -14.44
N PRO A 291 -8.11 37.68 -15.07
CA PRO A 291 -6.92 37.90 -15.87
C PRO A 291 -7.21 38.89 -17.00
N ARG A 292 -6.19 39.63 -17.39
CA ARG A 292 -6.21 40.48 -18.61
C ARG A 292 -5.08 40.05 -19.55
N THR A 293 -5.35 40.06 -20.86
CA THR A 293 -4.34 39.88 -21.91
C THR A 293 -3.20 40.85 -21.67
N ILE A 294 -1.97 40.37 -21.73
CA ILE A 294 -0.76 41.22 -21.53
C ILE A 294 -0.55 41.99 -22.84
N SER A 295 -0.39 43.30 -22.71
CA SER A 295 -0.23 44.23 -23.87
C SER A 295 0.95 45.13 -23.57
N ASP A 296 1.43 45.85 -24.58
CA ASP A 296 2.39 46.95 -24.36
C ASP A 296 1.87 47.93 -23.29
N GLN A 297 0.58 48.20 -23.25
CA GLN A 297 -0.03 49.26 -22.41
C GLN A 297 0.00 48.82 -20.95
N ASN A 298 -0.12 47.50 -20.68
CA ASN A 298 -0.26 47.05 -19.27
C ASN A 298 0.94 46.20 -18.80
N VAL A 299 1.92 45.91 -19.65
CA VAL A 299 2.92 44.85 -19.27
C VAL A 299 3.77 45.33 -18.08
N ALA A 300 4.14 46.61 -17.97
CA ALA A 300 4.92 47.08 -16.80
C ALA A 300 4.14 46.91 -15.49
N ALA A 301 2.87 47.29 -15.48
CA ALA A 301 1.97 47.21 -14.31
C ALA A 301 1.75 45.73 -13.94
N ARG A 302 1.58 44.90 -14.94
CA ARG A 302 1.31 43.45 -14.67
C ARG A 302 2.59 42.83 -14.16
N SER A 303 3.73 43.14 -14.74
CA SER A 303 5.03 42.57 -14.33
C SER A 303 5.39 43.04 -12.92
N ASP A 304 5.08 44.30 -12.59
CA ASP A 304 5.29 44.81 -11.21
C ASP A 304 4.60 43.85 -10.22
N LEU A 305 3.34 43.50 -10.45
CA LEU A 305 2.58 42.69 -9.47
C LEU A 305 3.15 41.26 -9.48
N LEU A 306 3.46 40.75 -10.66
CA LEU A 306 3.88 39.31 -10.76
C LEU A 306 5.25 39.11 -10.14
N VAL A 307 6.22 39.98 -10.45
CA VAL A 307 7.59 39.84 -9.91
C VAL A 307 7.58 40.00 -8.40
N ASP A 308 6.70 40.87 -7.90
CA ASP A 308 6.52 41.02 -6.44
C ASP A 308 6.05 39.69 -5.81
N GLN A 309 5.07 39.02 -6.42
CA GLN A 309 4.67 37.67 -5.96
C GLN A 309 5.88 36.73 -5.99
N TRP A 310 6.60 36.67 -7.10
CA TRP A 310 7.79 35.78 -7.21
C TRP A 310 8.78 36.07 -6.09
N LYS A 311 9.11 37.35 -5.85
CA LYS A 311 10.11 37.66 -4.81
C LYS A 311 9.63 37.33 -3.39
N LYS A 312 8.33 37.41 -3.18
CA LYS A 312 7.76 36.97 -1.87
C LYS A 312 7.94 35.45 -1.78
N LYS A 313 7.58 34.70 -2.81
CA LYS A 313 7.73 33.22 -2.74
C LYS A 313 9.21 32.87 -2.51
N ALA A 314 10.13 33.60 -3.14
CA ALA A 314 11.58 33.27 -3.08
C ALA A 314 12.10 33.50 -1.65
N GLU A 315 11.46 34.35 -0.85
CA GLU A 315 11.85 34.56 0.56
C GLU A 315 11.73 33.26 1.36
N LEU A 316 10.92 32.30 0.91
CA LEU A 316 10.71 31.08 1.70
C LEU A 316 11.77 30.02 1.42
N TYR A 317 12.70 30.26 0.52
CA TYR A 317 13.68 29.26 0.06
C TYR A 317 15.06 29.87 0.13
N ARG A 318 16.07 29.04 0.02
CA ARG A 318 17.44 29.48 0.36
C ARG A 318 18.28 29.83 -0.86
N THR A 319 17.93 29.44 -2.08
CA THR A 319 18.71 29.85 -3.27
C THR A 319 18.02 30.98 -4.05
N ASN A 320 18.68 31.47 -5.07
CA ASN A 320 18.14 32.49 -6.02
C ASN A 320 17.52 31.83 -7.25
N VAL A 321 17.13 30.54 -7.13
CA VAL A 321 16.47 29.77 -8.22
C VAL A 321 15.05 29.42 -7.73
N LEU A 322 14.03 29.89 -8.45
CA LEU A 322 12.62 29.79 -8.00
C LEU A 322 11.82 28.87 -8.94
N LEU A 323 11.04 28.00 -8.30
CA LEU A 323 10.15 27.07 -9.04
C LEU A 323 8.76 27.65 -9.08
N ILE A 324 8.23 27.88 -10.27
CA ILE A 324 6.81 28.33 -10.44
C ILE A 324 6.08 27.31 -11.30
N PRO A 325 5.38 26.35 -10.70
CA PRO A 325 4.49 25.49 -11.49
C PRO A 325 3.44 26.31 -12.19
N LEU A 326 3.00 25.85 -13.36
CA LEU A 326 1.92 26.50 -14.11
C LEU A 326 1.03 25.38 -14.65
N GLY A 327 -0.05 25.06 -13.93
CA GLY A 327 -0.96 24.00 -14.34
C GLY A 327 -2.02 23.74 -13.32
N ASP A 328 -2.86 22.78 -13.63
CA ASP A 328 -4.01 22.40 -12.80
C ASP A 328 -4.53 21.06 -13.35
N ASP A 329 -5.64 20.63 -12.83
CA ASP A 329 -6.24 19.34 -13.24
C ASP A 329 -6.65 19.37 -14.71
N PHE A 330 -6.18 18.37 -15.45
CA PHE A 330 -6.49 18.12 -16.88
C PHE A 330 -6.41 19.41 -17.69
N ARG A 331 -5.40 20.21 -17.39
CA ARG A 331 -5.13 21.44 -18.18
C ARG A 331 -4.45 21.07 -19.48
N PHE A 332 -4.39 22.06 -20.37
CA PHE A 332 -3.63 21.98 -21.64
C PHE A 332 -4.33 20.97 -22.56
N LYS A 333 -5.64 20.86 -22.45
CA LYS A 333 -6.51 20.00 -23.26
C LYS A 333 -6.72 20.61 -24.65
N GLN A 334 -6.73 21.93 -24.75
CA GLN A 334 -7.09 22.63 -26.03
C GLN A 334 -5.91 23.40 -26.58
N ASN A 335 -5.77 23.44 -27.91
CA ASN A 335 -4.71 24.22 -28.58
C ASN A 335 -4.76 25.69 -28.08
N THR A 336 -5.95 26.20 -27.90
CA THR A 336 -6.16 27.64 -27.59
C THR A 336 -5.66 27.92 -26.17
N GLU A 337 -5.67 26.91 -25.33
N GLU A 337 -5.70 26.95 -25.23
CA GLU A 337 -5.20 27.10 -23.96
CA GLU A 337 -5.14 27.15 -23.85
C GLU A 337 -3.67 27.15 -23.96
C GLU A 337 -3.62 27.18 -23.95
N TRP A 338 -3.02 26.27 -24.70
CA TRP A 338 -1.57 26.36 -24.90
C TRP A 338 -1.23 27.77 -25.42
N ASP A 339 -1.96 28.26 -26.42
CA ASP A 339 -1.58 29.58 -27.01
C ASP A 339 -1.78 30.68 -25.97
N VAL A 340 -2.89 30.70 -25.25
CA VAL A 340 -3.19 31.87 -24.37
C VAL A 340 -2.21 31.87 -23.19
N GLN A 341 -1.83 30.70 -22.67
CA GLN A 341 -0.84 30.65 -21.57
C GLN A 341 0.54 31.01 -22.13
N ARG A 342 0.96 30.40 -23.24
CA ARG A 342 2.35 30.62 -23.68
C ARG A 342 2.55 32.08 -24.10
N VAL A 343 1.64 32.59 -24.89
CA VAL A 343 1.86 33.95 -25.50
C VAL A 343 1.87 35.01 -24.40
N ASN A 344 0.95 34.95 -23.45
CA ASN A 344 0.91 35.98 -22.38
C ASN A 344 2.14 35.83 -21.48
N TYR A 345 2.59 34.62 -21.12
CA TYR A 345 3.81 34.46 -20.33
C TYR A 345 5.04 34.93 -21.11
N GLU A 346 5.14 34.63 -22.41
CA GLU A 346 6.28 35.09 -23.22
C GLU A 346 6.31 36.62 -23.18
N ARG A 347 5.17 37.29 -23.21
CA ARG A 347 5.20 38.79 -23.23
C ARG A 347 5.71 39.28 -21.89
N LEU A 348 5.31 38.60 -20.80
CA LEU A 348 5.80 38.96 -19.47
C LEU A 348 7.30 38.70 -19.39
N PHE A 349 7.76 37.53 -19.85
CA PHE A 349 9.19 37.22 -19.78
C PHE A 349 10.01 38.24 -20.60
N GLU A 350 9.54 38.58 -21.79
CA GLU A 350 10.23 39.52 -22.72
C GLU A 350 10.47 40.85 -21.98
N HIS A 351 9.44 41.33 -21.29
CA HIS A 351 9.46 42.64 -20.56
C HIS A 351 10.36 42.50 -19.34
N ILE A 352 10.10 41.52 -18.46
CA ILE A 352 10.86 41.37 -17.21
C ILE A 352 12.37 41.24 -17.50
N ASN A 353 12.72 40.37 -18.43
CA ASN A 353 14.14 40.05 -18.70
C ASN A 353 14.81 41.32 -19.29
N SER A 354 14.04 42.17 -19.97
CA SER A 354 14.59 43.37 -20.67
C SER A 354 14.69 44.55 -19.69
N GLN A 355 14.17 44.45 -18.46
CA GLN A 355 14.11 45.57 -17.49
C GLN A 355 15.05 45.29 -16.35
N ALA A 356 16.23 45.92 -16.36
CA ALA A 356 17.27 45.66 -15.34
C ALA A 356 16.73 45.85 -13.90
N HIS A 357 15.82 46.78 -13.65
CA HIS A 357 15.40 47.11 -12.28
C HIS A 357 14.83 45.86 -11.59
N PHE A 358 14.32 44.91 -12.35
CA PHE A 358 13.78 43.68 -11.71
C PHE A 358 14.90 42.75 -11.23
N ASN A 359 16.03 42.75 -11.93
CA ASN A 359 17.11 41.77 -11.66
C ASN A 359 16.54 40.32 -11.65
N VAL A 360 15.70 40.01 -12.62
CA VAL A 360 15.10 38.68 -12.82
C VAL A 360 15.49 38.14 -14.21
N GLN A 361 15.72 36.83 -14.30
CA GLN A 361 15.74 36.04 -15.56
C GLN A 361 14.63 35.00 -15.41
N ALA A 362 13.58 35.13 -16.19
CA ALA A 362 12.41 34.24 -16.14
C ALA A 362 12.27 33.50 -17.47
N GLN A 363 11.92 32.23 -17.45
CA GLN A 363 11.71 31.42 -18.67
C GLN A 363 10.93 30.15 -18.32
N PHE A 364 10.38 29.52 -19.35
CA PHE A 364 9.79 28.17 -19.22
C PHE A 364 10.94 27.22 -18.93
N GLY A 365 10.66 26.28 -18.03
CA GLY A 365 11.66 25.26 -17.66
C GLY A 365 11.00 23.95 -17.29
N THR A 366 11.81 22.99 -16.93
CA THR A 366 11.30 21.70 -16.45
C THR A 366 11.71 21.53 -14.99
N LEU A 367 11.20 20.46 -14.40
CA LEU A 367 11.50 20.15 -13.00
C LEU A 367 12.99 19.83 -12.81
N GLN A 368 13.57 18.99 -13.65
CA GLN A 368 14.99 18.64 -13.52
C GLN A 368 15.84 19.90 -13.68
N GLU A 369 15.47 20.80 -14.57
N GLU A 369 15.44 20.80 -14.61
CA GLU A 369 16.25 22.04 -14.75
CA GLU A 369 16.10 22.11 -14.90
C GLU A 369 16.24 22.83 -13.43
C GLU A 369 16.16 22.93 -13.59
N TYR A 370 15.06 22.97 -12.82
CA TYR A 370 15.00 23.66 -11.51
C TYR A 370 16.00 23.01 -10.55
N PHE A 371 15.91 21.68 -10.32
CA PHE A 371 16.75 21.02 -9.31
C PHE A 371 18.23 21.16 -9.70
N ASP A 372 18.56 21.03 -10.97
CA ASP A 372 19.98 21.14 -11.39
C ASP A 372 20.50 22.52 -10.98
N ALA A 373 19.72 23.56 -11.22
CA ALA A 373 20.11 24.96 -10.95
C ALA A 373 20.24 25.19 -9.44
N VAL A 374 19.33 24.64 -8.63
CA VAL A 374 19.42 24.71 -7.15
C VAL A 374 20.74 24.07 -6.68
N HIS A 375 21.08 22.89 -7.18
CA HIS A 375 22.30 22.21 -6.68
C HIS A 375 23.55 22.95 -7.16
N GLN A 376 23.50 23.58 -8.30
CA GLN A 376 24.62 24.46 -8.76
C GLN A 376 24.74 25.63 -7.78
N ALA A 377 23.63 26.24 -7.35
CA ALA A 377 23.65 27.34 -6.37
C ALA A 377 24.27 26.85 -5.04
N GLU A 378 23.87 25.67 -4.57
CA GLU A 378 24.36 25.03 -3.32
C GLU A 378 25.89 24.84 -3.41
N ARG A 379 26.35 24.25 -4.50
CA ARG A 379 27.79 23.97 -4.74
C ARG A 379 28.58 25.29 -4.81
N ALA A 380 27.95 26.40 -5.19
CA ALA A 380 28.57 27.75 -5.23
C ALA A 380 28.59 28.40 -3.84
N GLY A 381 28.03 27.74 -2.83
CA GLY A 381 28.00 28.17 -1.43
C GLY A 381 26.83 29.08 -1.11
N GLN A 382 25.77 29.06 -1.93
CA GLN A 382 24.60 29.93 -1.69
C GLN A 382 23.79 29.43 -0.52
N ALA A 383 23.88 28.13 -0.22
CA ALA A 383 22.91 27.44 0.64
C ALA A 383 23.52 26.16 1.20
N GLU A 384 23.16 25.89 2.43
CA GLU A 384 23.41 24.60 3.12
C GLU A 384 22.04 24.09 3.56
N PHE A 385 21.61 22.95 3.07
CA PHE A 385 20.21 22.53 3.31
C PHE A 385 20.09 21.75 4.60
N PRO A 386 18.96 21.89 5.30
CA PRO A 386 18.76 21.10 6.51
C PRO A 386 18.44 19.63 6.26
N THR A 387 18.67 18.80 7.27
CA THR A 387 18.33 17.35 7.29
C THR A 387 17.00 17.17 7.98
N LEU A 388 16.24 16.20 7.50
CA LEU A 388 14.89 15.96 8.07
C LEU A 388 14.61 14.45 8.08
N SER A 389 14.02 13.98 9.15
CA SER A 389 13.40 12.63 9.15
C SER A 389 11.96 12.73 9.68
N GLY A 390 11.15 11.73 9.33
CA GLY A 390 9.77 11.62 9.74
C GLY A 390 8.81 11.49 8.58
N ASP A 391 7.53 11.62 8.87
CA ASP A 391 6.51 11.56 7.80
C ASP A 391 5.62 12.79 7.85
N PHE A 392 4.70 12.86 6.90
CA PHE A 392 3.77 14.02 6.76
C PHE A 392 2.34 13.47 6.80
N PHE A 393 2.01 12.69 7.83
CA PHE A 393 0.64 12.30 8.18
C PHE A 393 0.35 12.77 9.60
N THR A 394 -0.89 13.06 9.93
CA THR A 394 -2.06 13.11 9.06
C THR A 394 -2.27 14.51 8.49
N TYR A 395 -2.44 14.60 7.20
CA TYR A 395 -2.67 15.88 6.47
C TYR A 395 -3.98 16.55 6.88
N ALA A 396 -3.93 17.89 6.99
CA ALA A 396 -5.10 18.77 7.03
C ALA A 396 -4.85 19.91 6.06
N ASP A 397 -5.86 20.25 5.25
CA ASP A 397 -5.73 21.36 4.28
C ASP A 397 -6.28 22.65 4.90
N ARG A 398 -7.10 22.53 5.95
CA ARG A 398 -7.72 23.72 6.60
C ARG A 398 -8.29 23.30 7.95
N SER A 399 -8.36 24.25 8.87
CA SER A 399 -9.07 24.15 10.18
CA SER A 399 -9.20 24.09 10.08
C SER A 399 -8.89 22.75 10.77
N ASP A 400 -9.94 22.01 11.08
CA ASP A 400 -9.85 20.71 11.74
C ASP A 400 -10.16 19.64 10.70
N ASN A 401 -9.97 19.94 9.41
CA ASN A 401 -10.36 19.02 8.31
C ASN A 401 -9.17 18.08 8.01
N TYR A 402 -8.97 17.08 8.86
CA TYR A 402 -7.91 16.07 8.76
C TYR A 402 -8.39 14.95 7.85
N TRP A 403 -7.49 14.55 6.94
CA TRP A 403 -7.83 13.56 5.91
C TRP A 403 -7.51 12.14 6.38
N SER A 404 -8.14 11.71 7.45
CA SER A 404 -7.91 10.34 7.96
C SER A 404 -9.04 9.40 7.56
N GLY A 405 -10.11 9.89 6.92
CA GLY A 405 -11.20 9.05 6.43
C GLY A 405 -10.72 8.05 5.39
N TYR A 406 -9.88 8.51 4.46
CA TYR A 406 -9.46 7.66 3.31
C TYR A 406 -8.52 6.53 3.75
N TYR A 407 -8.05 6.56 4.99
CA TYR A 407 -7.35 5.37 5.53
C TYR A 407 -8.27 4.17 5.63
N THR A 408 -9.59 4.37 5.54
CA THR A 408 -10.56 3.27 5.69
C THR A 408 -11.51 3.19 4.49
N SER A 409 -11.83 4.29 3.79
CA SER A 409 -12.89 4.27 2.76
C SER A 409 -12.76 3.12 1.75
N ARG A 410 -13.88 2.49 1.43
CA ARG A 410 -13.92 1.34 0.46
C ARG A 410 -12.94 0.27 0.93
N PRO A 411 -13.14 -0.29 2.14
CA PRO A 411 -12.23 -1.30 2.67
C PRO A 411 -12.24 -2.63 1.94
N TYR A 412 -13.30 -2.96 1.22
CA TYR A 412 -13.31 -4.18 0.39
C TYR A 412 -12.15 -4.13 -0.59
N HIS A 413 -11.98 -3.00 -1.30
CA HIS A 413 -10.93 -2.88 -2.31
C HIS A 413 -9.54 -2.74 -1.68
N LYS A 414 -9.45 -2.13 -0.51
CA LYS A 414 -8.18 -2.09 0.27
C LYS A 414 -7.72 -3.49 0.59
N ARG A 415 -8.62 -4.37 0.96
CA ARG A 415 -8.27 -5.80 1.23
C ARG A 415 -7.90 -6.50 -0.07
N MET A 416 -8.65 -6.22 -1.15
CA MET A 416 -8.37 -6.81 -2.47
C MET A 416 -6.95 -6.45 -2.95
N ASP A 417 -6.50 -5.23 -2.69
CA ASP A 417 -5.14 -4.77 -3.04
C ASP A 417 -4.13 -5.79 -2.46
N ARG A 418 -4.28 -6.12 -1.19
CA ARG A 418 -3.27 -6.99 -0.51
C ARG A 418 -3.34 -8.39 -1.08
N VAL A 419 -4.52 -8.89 -1.39
CA VAL A 419 -4.66 -10.22 -2.03
C VAL A 419 -3.96 -10.21 -3.38
N LEU A 420 -4.26 -9.22 -4.21
CA LEU A 420 -3.67 -9.18 -5.56
C LEU A 420 -2.14 -8.99 -5.47
N MET A 421 -1.67 -8.24 -4.50
CA MET A 421 -0.20 -8.06 -4.28
C MET A 421 0.45 -9.44 -4.16
N HIS A 422 -0.13 -10.28 -3.33
CA HIS A 422 0.41 -11.62 -3.07
C HIS A 422 0.31 -12.49 -4.34
N TYR A 423 -0.86 -12.49 -5.02
N TYR A 423 -0.80 -12.40 -5.07
CA TYR A 423 -1.07 -13.32 -6.24
CA TYR A 423 -0.96 -13.33 -6.23
C TYR A 423 -0.05 -12.89 -7.32
C TYR A 423 -0.01 -12.88 -7.35
N VAL A 424 0.23 -11.60 -7.47
CA VAL A 424 1.22 -11.12 -8.48
C VAL A 424 2.60 -11.67 -8.08
N ARG A 425 2.97 -11.54 -6.82
CA ARG A 425 4.29 -12.06 -6.37
C ARG A 425 4.39 -13.56 -6.65
N ALA A 426 3.36 -14.30 -6.29
CA ALA A 426 3.38 -15.76 -6.43
C ALA A 426 3.41 -16.16 -7.91
N ALA A 427 2.65 -15.49 -8.77
CA ALA A 427 2.62 -15.84 -10.21
C ALA A 427 3.96 -15.52 -10.85
N GLU A 428 4.57 -14.38 -10.51
CA GLU A 428 5.88 -14.00 -11.11
C GLU A 428 6.92 -15.01 -10.62
N MET A 429 6.89 -15.38 -9.35
CA MET A 429 7.92 -16.29 -8.80
C MET A 429 7.72 -17.67 -9.39
N LEU A 430 6.53 -18.25 -9.35
CA LEU A 430 6.32 -19.64 -9.80
C LEU A 430 6.66 -19.78 -11.27
N SER A 431 6.38 -18.78 -12.10
CA SER A 431 6.64 -18.84 -13.55
C SER A 431 8.09 -18.48 -13.86
N ALA A 432 8.80 -17.85 -12.95
CA ALA A 432 10.20 -17.40 -13.18
C ALA A 432 11.14 -18.59 -13.33
N TRP A 433 10.83 -19.73 -12.75
CA TRP A 433 11.78 -20.88 -12.70
C TRP A 433 12.10 -21.38 -14.09
N HIS A 434 11.23 -21.15 -15.04
CA HIS A 434 11.41 -21.58 -16.44
C HIS A 434 11.16 -20.47 -17.42
N SER A 435 11.72 -20.64 -18.62
CA SER A 435 11.30 -19.93 -19.83
CA SER A 435 11.29 -19.92 -19.84
C SER A 435 10.04 -20.61 -20.36
N TRP A 436 9.12 -19.84 -20.89
CA TRP A 436 7.84 -20.31 -21.41
C TRP A 436 7.77 -19.97 -22.89
N ASP A 437 7.25 -20.91 -23.64
CA ASP A 437 6.90 -20.64 -25.05
C ASP A 437 5.88 -19.48 -25.10
N GLY A 438 6.00 -18.60 -26.09
CA GLY A 438 5.02 -17.53 -26.31
C GLY A 438 3.58 -17.98 -26.39
N MET A 439 3.29 -19.18 -26.91
CA MET A 439 1.93 -19.72 -26.98
C MET A 439 1.31 -19.86 -25.59
N ALA A 440 2.13 -19.93 -24.53
CA ALA A 440 1.56 -20.04 -23.17
C ALA A 440 0.99 -18.69 -22.69
N ARG A 441 1.40 -17.59 -23.31
CA ARG A 441 0.83 -16.24 -22.97
C ARG A 441 1.06 -15.95 -21.47
N ILE A 442 2.16 -16.42 -20.93
CA ILE A 442 2.57 -16.11 -19.53
C ILE A 442 2.89 -14.61 -19.45
N GLU A 443 3.73 -14.11 -20.32
CA GLU A 443 4.13 -12.67 -20.24
C GLU A 443 2.92 -11.76 -20.36
N GLU A 444 1.96 -12.08 -21.21
CA GLU A 444 0.77 -11.25 -21.43
C GLU A 444 -0.05 -11.19 -20.14
N ARG A 445 -0.27 -12.35 -19.50
CA ARG A 445 -1.07 -12.41 -18.28
C ARG A 445 -0.35 -11.67 -17.14
N LEU A 446 0.96 -11.83 -17.04
CA LEU A 446 1.70 -11.13 -15.95
C LEU A 446 1.76 -9.63 -16.19
N GLU A 447 1.83 -9.17 -17.45
CA GLU A 447 1.80 -7.72 -17.69
C GLU A 447 0.42 -7.16 -17.36
N GLN A 448 -0.65 -7.87 -17.74
CA GLN A 448 -2.01 -7.44 -17.38
C GLN A 448 -2.09 -7.31 -15.86
N ALA A 449 -1.65 -8.31 -15.15
CA ALA A 449 -1.87 -8.31 -13.69
C ALA A 449 -1.02 -7.20 -13.05
N ARG A 450 0.24 -7.04 -13.46
CA ARG A 450 1.10 -5.97 -12.90
C ARG A 450 0.44 -4.60 -13.16
N ARG A 451 -0.16 -4.41 -14.32
CA ARG A 451 -0.70 -3.09 -14.69
C ARG A 451 -2.03 -2.81 -13.97
N GLU A 452 -2.83 -3.82 -13.72
CA GLU A 452 -4.09 -3.57 -13.00
C GLU A 452 -3.76 -3.24 -11.53
N LEU A 453 -2.82 -3.97 -10.95
CA LEU A 453 -2.44 -3.68 -9.54
C LEU A 453 -1.77 -2.31 -9.47
N SER A 454 -0.91 -1.99 -10.44
CA SER A 454 -0.23 -0.68 -10.51
C SER A 454 -1.23 0.47 -10.62
N LEU A 455 -2.26 0.30 -11.48
CA LEU A 455 -3.28 1.34 -11.63
C LEU A 455 -3.97 1.60 -10.30
N PHE A 456 -4.21 0.56 -9.53
CA PHE A 456 -4.97 0.72 -8.27
C PHE A 456 -4.17 1.46 -7.20
N GLN A 457 -2.87 1.59 -7.35
CA GLN A 457 -2.07 2.36 -6.38
C GLN A 457 -2.34 3.86 -6.53
N HIS A 458 -2.99 4.31 -7.61
CA HIS A 458 -3.36 5.71 -7.79
C HIS A 458 -4.00 6.26 -6.50
N HIS A 459 -3.81 7.55 -6.28
CA HIS A 459 -4.29 8.25 -5.08
C HIS A 459 -5.81 8.46 -5.11
N ASP A 460 -6.55 7.92 -6.08
CA ASP A 460 -8.02 7.76 -5.98
C ASP A 460 -8.41 6.31 -6.09
N GLY A 461 -7.45 5.36 -6.10
CA GLY A 461 -7.77 3.93 -6.22
C GLY A 461 -7.87 3.32 -4.85
N ILE A 462 -6.75 2.85 -4.33
CA ILE A 462 -6.66 2.24 -2.99
C ILE A 462 -7.22 3.17 -1.90
N THR A 463 -7.16 4.47 -2.11
CA THR A 463 -7.67 5.44 -1.15
C THR A 463 -9.18 5.32 -0.94
N GLY A 464 -9.91 4.76 -1.90
CA GLY A 464 -11.38 4.76 -1.80
C GLY A 464 -12.01 6.13 -2.02
N THR A 465 -11.42 6.95 -2.87
CA THR A 465 -11.94 8.31 -3.11
C THR A 465 -12.48 8.48 -4.52
N ALA A 466 -12.80 7.43 -5.24
CA ALA A 466 -13.31 7.53 -6.63
C ALA A 466 -14.85 7.40 -6.64
N LYS A 467 -15.46 7.81 -7.75
CA LYS A 467 -16.92 7.64 -7.92
C LYS A 467 -17.24 6.15 -7.89
N THR A 468 -18.46 5.81 -7.48
CA THR A 468 -18.89 4.39 -7.45
C THR A 468 -18.57 3.64 -8.73
N HIS A 469 -18.87 4.19 -9.90
CA HIS A 469 -18.69 3.44 -11.17
C HIS A 469 -17.19 3.21 -11.46
N VAL A 470 -16.36 4.11 -10.94
CA VAL A 470 -14.90 3.99 -11.12
C VAL A 470 -14.38 2.91 -10.17
N VAL A 471 -14.87 2.84 -8.94
CA VAL A 471 -14.53 1.73 -8.02
C VAL A 471 -14.91 0.39 -8.68
N VAL A 472 -16.05 0.32 -9.34
CA VAL A 472 -16.48 -0.93 -10.04
C VAL A 472 -15.47 -1.26 -11.13
N ASP A 473 -14.96 -0.28 -11.89
CA ASP A 473 -13.91 -0.51 -12.91
C ASP A 473 -12.62 -1.04 -12.25
N TYR A 474 -12.20 -0.44 -11.15
CA TYR A 474 -10.98 -0.94 -10.46
C TYR A 474 -11.18 -2.38 -10.01
N GLU A 475 -12.33 -2.67 -9.48
CA GLU A 475 -12.64 -4.02 -8.96
C GLU A 475 -12.66 -5.01 -10.11
N GLN A 476 -13.30 -4.69 -11.25
CA GLN A 476 -13.31 -5.60 -12.41
C GLN A 476 -11.90 -5.84 -12.92
N ARG A 477 -11.10 -4.78 -13.00
CA ARG A 477 -9.69 -4.90 -13.45
C ARG A 477 -8.92 -5.83 -12.49
N MET A 478 -9.08 -5.61 -11.21
CA MET A 478 -8.33 -6.44 -10.23
C MET A 478 -8.81 -7.88 -10.32
N GLN A 479 -10.09 -8.11 -10.56
CA GLN A 479 -10.62 -9.49 -10.68
C GLN A 479 -10.03 -10.16 -11.90
N GLU A 480 -9.93 -9.45 -13.02
N GLU A 480 -9.87 -9.46 -13.02
CA GLU A 480 -9.23 -9.98 -14.20
CA GLU A 480 -9.22 -10.05 -14.21
C GLU A 480 -7.80 -10.36 -13.81
C GLU A 480 -7.73 -10.31 -13.93
N ALA A 481 -7.08 -9.45 -13.14
CA ALA A 481 -5.68 -9.65 -12.74
C ALA A 481 -5.55 -10.91 -11.86
N LEU A 482 -6.48 -11.10 -10.91
CA LEU A 482 -6.42 -12.29 -10.03
C LEU A 482 -6.54 -13.55 -10.90
N LYS A 483 -7.49 -13.54 -11.86
CA LYS A 483 -7.70 -14.73 -12.71
C LYS A 483 -6.44 -15.00 -13.55
N ALA A 484 -5.80 -13.97 -14.09
CA ALA A 484 -4.56 -14.08 -14.86
C ALA A 484 -3.47 -14.70 -13.98
N CYS A 485 -3.31 -14.23 -12.76
CA CYS A 485 -2.29 -14.81 -11.86
C CYS A 485 -2.59 -16.27 -11.61
N GLN A 486 -3.84 -16.62 -11.35
CA GLN A 486 -4.25 -18.01 -11.03
C GLN A 486 -3.83 -18.90 -12.20
N MET A 487 -4.06 -18.45 -13.42
CA MET A 487 -3.78 -19.26 -14.62
C MET A 487 -2.28 -19.49 -14.72
N VAL A 488 -1.47 -18.47 -14.50
CA VAL A 488 0.00 -18.60 -14.55
C VAL A 488 0.46 -19.55 -13.45
N MET A 489 -0.08 -19.36 -12.25
CA MET A 489 0.35 -20.19 -11.10
C MET A 489 0.05 -21.65 -11.39
N GLN A 490 -1.14 -21.97 -11.85
CA GLN A 490 -1.51 -23.42 -11.96
C GLN A 490 -0.71 -24.08 -13.10
N GLN A 491 -0.49 -23.39 -14.23
CA GLN A 491 0.39 -23.90 -15.29
C GLN A 491 1.76 -24.16 -14.71
N SER A 492 2.29 -23.23 -13.93
CA SER A 492 3.64 -23.33 -13.35
C SER A 492 3.72 -24.52 -12.38
N VAL A 493 2.74 -24.72 -11.53
CA VAL A 493 2.75 -25.85 -10.57
C VAL A 493 2.75 -27.19 -11.34
N TYR A 494 1.94 -27.30 -12.38
CA TYR A 494 1.86 -28.55 -13.18
C TYR A 494 3.25 -28.84 -13.78
N ARG A 495 3.93 -27.81 -14.29
CA ARG A 495 5.27 -28.00 -14.90
C ARG A 495 6.29 -28.40 -13.84
N LEU A 496 6.25 -27.78 -12.66
CA LEU A 496 7.27 -27.95 -11.61
C LEU A 496 7.12 -29.32 -10.93
N LEU A 497 5.94 -29.92 -10.98
CA LEU A 497 5.70 -31.15 -10.19
C LEU A 497 5.28 -32.31 -11.07
N THR A 498 5.45 -32.24 -12.38
CA THR A 498 5.15 -33.39 -13.25
C THR A 498 6.46 -33.91 -13.81
N LYS A 499 6.64 -35.23 -13.79
CA LYS A 499 7.83 -35.83 -14.39
C LYS A 499 8.01 -35.30 -15.80
N PRO A 500 9.23 -34.93 -16.20
CA PRO A 500 9.50 -34.51 -17.57
C PRO A 500 9.11 -35.55 -18.64
N SER A 501 9.19 -36.86 -18.31
CA SER A 501 8.73 -37.91 -19.24
C SER A 501 7.25 -37.79 -19.61
N ILE A 502 6.43 -37.18 -18.74
CA ILE A 502 4.96 -37.11 -18.90
C ILE A 502 4.54 -35.72 -19.38
N TYR A 503 5.16 -34.69 -18.82
CA TYR A 503 4.70 -33.30 -19.04
C TYR A 503 4.58 -32.99 -20.52
N SER A 504 3.37 -32.69 -20.92
CA SER A 504 3.00 -32.40 -22.33
C SER A 504 1.82 -31.44 -22.29
N PRO A 505 2.12 -30.14 -22.00
CA PRO A 505 1.07 -29.22 -21.57
C PRO A 505 0.12 -28.76 -22.67
N ASP A 506 -1.12 -28.55 -22.28
CA ASP A 506 -2.10 -27.73 -23.02
C ASP A 506 -2.17 -26.40 -22.27
N PHE A 507 -1.63 -25.33 -22.86
CA PHE A 507 -1.51 -24.02 -22.15
C PHE A 507 -2.88 -23.39 -21.89
N SER A 508 -3.99 -23.87 -22.45
CA SER A 508 -5.35 -23.38 -22.19
C SER A 508 -6.01 -24.14 -21.03
N PHE A 509 -5.42 -25.22 -20.52
CA PHE A 509 -6.13 -26.19 -19.66
C PHE A 509 -5.94 -25.78 -18.20
N SER A 510 -6.92 -26.09 -17.38
CA SER A 510 -6.86 -25.89 -15.90
CA SER A 510 -6.88 -25.89 -15.91
C SER A 510 -6.44 -27.19 -15.22
N TYR A 511 -5.14 -27.36 -14.99
CA TYR A 511 -4.59 -28.53 -14.29
C TYR A 511 -4.93 -28.51 -12.79
N PHE A 512 -4.94 -27.30 -12.22
CA PHE A 512 -5.30 -27.06 -10.81
C PHE A 512 -6.27 -25.89 -10.73
N THR A 513 -7.14 -25.93 -9.75
CA THR A 513 -7.86 -24.74 -9.27
C THR A 513 -7.27 -24.29 -7.94
N LEU A 514 -7.29 -22.98 -7.72
CA LEU A 514 -6.75 -22.37 -6.50
C LEU A 514 -7.87 -22.40 -5.45
N ASP A 515 -7.50 -22.64 -4.21
CA ASP A 515 -8.43 -22.55 -3.09
C ASP A 515 -7.91 -21.47 -2.16
N ASP A 516 -8.74 -20.46 -1.93
CA ASP A 516 -8.34 -19.35 -1.04
C ASP A 516 -9.42 -19.24 0.02
N SER A 517 -9.05 -19.50 1.25
CA SER A 517 -9.93 -19.46 2.44
C SER A 517 -10.17 -18.05 2.90
N ARG A 518 -9.38 -17.06 2.46
CA ARG A 518 -9.48 -15.71 3.04
C ARG A 518 -9.82 -14.65 2.05
N TRP A 519 -10.10 -15.00 0.83
CA TRP A 519 -10.54 -13.99 -0.17
C TRP A 519 -11.42 -14.68 -1.19
N PRO A 520 -12.64 -14.16 -1.45
CA PRO A 520 -13.25 -13.06 -0.71
C PRO A 520 -13.68 -13.44 0.71
N GLY A 521 -13.61 -14.75 1.02
CA GLY A 521 -14.15 -15.24 2.30
C GLY A 521 -15.50 -15.92 2.04
N SER A 522 -15.72 -17.11 2.60
CA SER A 522 -16.92 -17.91 2.26
C SER A 522 -18.23 -17.19 2.66
N GLY A 523 -18.18 -16.34 3.70
CA GLY A 523 -19.35 -15.54 4.10
C GLY A 523 -19.60 -14.37 3.16
N VAL A 524 -18.61 -14.01 2.36
CA VAL A 524 -18.72 -12.90 1.37
C VAL A 524 -19.13 -13.48 0.01
N GLU A 525 -18.52 -14.56 -0.43
CA GLU A 525 -18.75 -15.20 -1.75
C GLU A 525 -18.53 -16.71 -1.51
N ASP A 526 -19.59 -17.49 -1.55
CA ASP A 526 -19.50 -18.94 -1.17
C ASP A 526 -19.04 -19.71 -2.39
N SER A 527 -17.78 -19.51 -2.81
CA SER A 527 -17.24 -19.97 -4.11
C SER A 527 -16.11 -20.99 -3.93
N ARG A 528 -15.79 -21.44 -2.71
CA ARG A 528 -14.74 -22.47 -2.56
C ARG A 528 -15.22 -23.75 -3.24
N THR A 529 -14.29 -24.45 -3.90
CA THR A 529 -14.55 -25.77 -4.54
C THR A 529 -14.62 -26.82 -3.44
N THR A 530 -15.66 -27.65 -3.41
CA THR A 530 -15.67 -28.82 -2.52
C THR A 530 -15.03 -30.00 -3.23
N ILE A 531 -14.06 -30.61 -2.59
CA ILE A 531 -13.42 -31.81 -3.18
C ILE A 531 -14.40 -32.96 -2.95
N ILE A 532 -14.88 -33.58 -4.02
CA ILE A 532 -15.91 -34.66 -3.91
C ILE A 532 -15.23 -36.02 -4.05
N LEU A 533 -15.20 -36.74 -2.95
CA LEU A 533 -14.54 -38.03 -2.82
C LEU A 533 -15.66 -39.07 -2.67
N GLY A 534 -15.37 -40.27 -3.11
CA GLY A 534 -16.30 -41.42 -2.99
C GLY A 534 -15.49 -42.70 -3.07
N GLU A 535 -15.78 -43.69 -2.21
CA GLU A 535 -14.95 -44.93 -2.11
C GLU A 535 -14.82 -45.55 -3.51
N ASP A 536 -15.90 -45.58 -4.27
CA ASP A 536 -16.05 -46.38 -5.51
C ASP A 536 -16.41 -45.42 -6.66
N ILE A 537 -15.56 -44.40 -6.86
CA ILE A 537 -15.64 -43.40 -7.96
C ILE A 537 -14.36 -42.54 -7.91
N LEU A 538 -14.19 -41.68 -6.90
CA LEU A 538 -12.96 -40.86 -6.76
C LEU A 538 -12.50 -40.90 -5.32
N PRO A 539 -11.70 -41.90 -4.92
CA PRO A 539 -11.37 -42.07 -3.50
C PRO A 539 -10.31 -41.08 -3.00
N SER A 540 -9.56 -40.42 -3.90
CA SER A 540 -8.44 -39.55 -3.46
C SER A 540 -8.34 -38.29 -4.33
N LYS A 541 -7.71 -37.26 -3.74
CA LYS A 541 -7.41 -36.03 -4.50
C LYS A 541 -6.03 -35.54 -4.08
N HIS A 542 -5.22 -35.14 -5.07
CA HIS A 542 -3.92 -34.43 -4.84
C HIS A 542 -4.20 -32.94 -4.63
N VAL A 543 -3.52 -32.36 -3.66
CA VAL A 543 -3.49 -30.92 -3.36
C VAL A 543 -2.02 -30.52 -3.23
N VAL A 544 -1.72 -29.26 -3.55
CA VAL A 544 -0.33 -28.76 -3.60
C VAL A 544 -0.31 -27.43 -2.88
N MET A 545 0.66 -27.23 -2.00
CA MET A 545 0.90 -25.94 -1.34
C MET A 545 2.15 -25.29 -1.93
N HIS A 546 2.09 -23.97 -2.14
CA HIS A 546 3.23 -23.13 -2.54
C HIS A 546 3.61 -22.23 -1.36
N ASN A 547 4.91 -22.03 -1.19
CA ASN A 547 5.42 -21.12 -0.16
C ASN A 547 6.32 -20.10 -0.83
N THR A 548 5.86 -18.85 -1.04
CA THR A 548 6.66 -17.83 -1.73
C THR A 548 7.85 -17.35 -0.85
N LEU A 549 7.83 -17.59 0.46
CA LEU A 549 8.87 -17.03 1.36
C LEU A 549 10.11 -17.91 1.29
N PRO A 550 11.31 -17.31 1.40
CA PRO A 550 12.58 -18.05 1.27
C PRO A 550 13.04 -18.77 2.56
N HIS A 551 12.10 -19.36 3.28
CA HIS A 551 12.41 -20.23 4.42
C HIS A 551 11.37 -21.32 4.51
N TRP A 552 11.76 -22.44 5.09
CA TRP A 552 10.80 -23.52 5.34
C TRP A 552 9.61 -22.98 6.14
N ARG A 553 8.42 -23.38 5.75
CA ARG A 553 7.20 -23.02 6.51
C ARG A 553 6.35 -24.24 6.76
N GLU A 554 5.80 -24.31 7.95
CA GLU A 554 4.86 -25.36 8.37
C GLU A 554 3.65 -24.67 8.90
N GLN A 555 2.59 -24.54 8.07
N GLN A 555 2.55 -24.71 8.17
CA GLN A 555 1.31 -23.78 8.27
CA GLN A 555 1.36 -23.99 8.64
C GLN A 555 0.11 -24.76 8.23
C GLN A 555 0.10 -24.78 8.25
N LEU A 556 -0.93 -24.56 9.06
CA LEU A 556 -2.19 -25.27 8.85
C LEU A 556 -2.80 -24.73 7.55
N VAL A 557 -3.32 -25.65 6.78
CA VAL A 557 -4.14 -25.39 5.57
C VAL A 557 -5.46 -26.10 5.70
N ASP A 558 -6.48 -25.58 5.04
CA ASP A 558 -7.79 -26.28 5.02
C ASP A 558 -8.33 -26.43 3.61
N PHE A 559 -9.20 -27.43 3.42
CA PHE A 559 -9.92 -27.64 2.15
C PHE A 559 -11.34 -28.02 2.49
N TYR A 560 -12.23 -27.71 1.57
CA TYR A 560 -13.61 -28.24 1.66
C TYR A 560 -13.61 -29.65 1.06
N VAL A 561 -14.24 -30.60 1.77
CA VAL A 561 -14.42 -32.01 1.32
C VAL A 561 -15.88 -32.42 1.51
N SER A 562 -16.31 -33.39 0.71
CA SER A 562 -17.71 -33.83 0.66
C SER A 562 -18.00 -34.86 1.75
N SER A 563 -17.00 -35.34 2.48
CA SER A 563 -17.18 -36.38 3.53
C SER A 563 -16.35 -35.96 4.73
N PRO A 564 -16.78 -36.23 5.96
CA PRO A 564 -15.90 -35.99 7.10
C PRO A 564 -14.83 -37.07 7.29
N PHE A 565 -14.98 -38.19 6.61
CA PHE A 565 -14.12 -39.38 6.81
C PHE A 565 -12.97 -39.29 5.81
N VAL A 566 -12.03 -38.39 6.11
CA VAL A 566 -10.92 -38.08 5.17
C VAL A 566 -9.61 -38.11 5.93
N SER A 567 -8.61 -38.71 5.34
CA SER A 567 -7.27 -38.85 5.91
C SER A 567 -6.28 -38.19 4.94
N VAL A 568 -5.22 -37.66 5.48
CA VAL A 568 -4.19 -36.95 4.73
C VAL A 568 -2.90 -37.77 4.77
N THR A 569 -2.24 -37.83 3.64
CA THR A 569 -0.88 -38.37 3.51
C THR A 569 -0.02 -37.41 2.69
N ASP A 570 1.29 -37.52 2.80
CA ASP A 570 2.16 -36.97 1.77
C ASP A 570 2.13 -37.92 0.58
N LEU A 571 2.76 -37.48 -0.49
CA LEU A 571 2.66 -38.25 -1.72
C LEU A 571 3.35 -39.59 -1.52
N ALA A 572 4.31 -39.68 -0.59
CA ALA A 572 4.99 -40.92 -0.18
C ALA A 572 4.15 -41.79 0.76
N ASN A 573 2.92 -41.40 1.12
CA ASN A 573 1.93 -42.23 1.88
C ASN A 573 2.23 -42.19 3.39
N ASN A 574 3.07 -41.25 3.85
CA ASN A 574 3.23 -41.01 5.30
C ASN A 574 1.98 -40.32 5.82
N PRO A 575 1.41 -40.78 6.94
CA PRO A 575 0.22 -40.15 7.48
C PRO A 575 0.55 -38.75 8.04
N VAL A 576 -0.42 -37.85 7.86
CA VAL A 576 -0.39 -36.47 8.40
C VAL A 576 -1.60 -36.30 9.31
N GLU A 577 -1.35 -35.89 10.56
CA GLU A 577 -2.41 -35.58 11.54
C GLU A 577 -3.34 -34.52 10.95
N ALA A 578 -4.62 -34.75 11.07
CA ALA A 578 -5.62 -33.84 10.45
C ALA A 578 -6.77 -33.66 11.41
N GLN A 579 -7.50 -32.57 11.21
CA GLN A 579 -8.71 -32.24 11.98
C GLN A 579 -9.81 -31.97 10.98
N VAL A 580 -11.02 -32.42 11.28
CA VAL A 580 -12.23 -32.08 10.50
C VAL A 580 -13.13 -31.23 11.37
N SER A 581 -13.61 -30.13 10.79
CA SER A 581 -14.54 -29.16 11.42
C SER A 581 -15.71 -29.04 10.47
N PRO A 582 -16.89 -28.67 10.97
CA PRO A 582 -18.05 -28.39 10.11
C PRO A 582 -17.79 -27.10 9.33
N VAL A 583 -18.64 -26.87 8.36
CA VAL A 583 -18.71 -25.60 7.61
C VAL A 583 -19.91 -24.82 8.13
N TRP A 584 -19.68 -23.65 8.66
CA TRP A 584 -20.68 -22.79 9.32
C TRP A 584 -20.88 -21.54 8.45
N SER A 585 -22.09 -21.03 8.40
CA SER A 585 -22.42 -19.72 7.81
C SER A 585 -23.38 -19.00 8.76
N TRP A 586 -23.44 -17.70 8.67
CA TRP A 586 -24.21 -16.87 9.63
C TRP A 586 -25.34 -16.14 8.90
N HIS A 587 -26.49 -16.08 9.54
CA HIS A 587 -27.74 -15.63 8.87
C HIS A 587 -28.56 -14.80 9.84
N HIS A 588 -29.15 -13.71 9.33
N HIS A 588 -29.27 -13.79 9.32
CA HIS A 588 -30.11 -12.87 10.09
CA HIS A 588 -30.05 -12.79 10.09
C HIS A 588 -31.43 -13.65 10.17
C HIS A 588 -31.51 -13.29 10.16
N ASP A 589 -32.03 -13.65 11.35
CA ASP A 589 -33.42 -14.18 11.50
C ASP A 589 -34.36 -12.97 11.63
N THR A 590 -35.35 -12.87 10.73
CA THR A 590 -36.16 -11.62 10.56
C THR A 590 -37.09 -11.50 11.77
N LEU A 591 -37.59 -12.62 12.31
CA LEU A 591 -38.45 -12.62 13.53
C LEU A 591 -37.64 -12.04 14.69
N THR A 592 -36.52 -12.68 15.03
CA THR A 592 -35.81 -12.48 16.33
C THR A 592 -34.75 -11.37 16.22
N LYS A 593 -34.47 -10.89 15.01
CA LYS A 593 -33.32 -9.98 14.68
C LYS A 593 -31.99 -10.65 15.04
N THR A 594 -31.98 -11.93 15.43
CA THR A 594 -30.76 -12.63 15.89
C THR A 594 -29.90 -13.00 14.66
N ILE A 595 -28.59 -12.86 14.80
CA ILE A 595 -27.63 -13.39 13.78
C ILE A 595 -27.18 -14.76 14.30
N HIS A 596 -27.45 -15.83 13.58
CA HIS A 596 -27.27 -17.21 14.08
C HIS A 596 -26.54 -18.09 13.06
N PRO A 597 -25.72 -19.05 13.52
CA PRO A 597 -24.99 -19.92 12.61
C PRO A 597 -25.85 -21.08 12.13
N GLN A 598 -25.55 -21.50 10.91
CA GLN A 598 -26.15 -22.68 10.25
C GLN A 598 -25.02 -23.61 9.83
N GLY A 599 -25.15 -24.88 10.14
CA GLY A 599 -24.16 -25.90 9.77
C GLY A 599 -24.44 -26.53 8.43
N SER A 600 -23.42 -26.71 7.62
CA SER A 600 -23.59 -27.46 6.35
C SER A 600 -23.81 -28.95 6.66
N THR A 601 -24.70 -29.61 5.91
CA THR A 601 -24.90 -31.07 6.04
C THR A 601 -24.21 -31.75 4.87
N THR A 602 -23.44 -31.02 4.06
CA THR A 602 -22.90 -31.54 2.76
C THR A 602 -21.40 -31.29 2.56
N LYS A 603 -20.81 -30.33 3.26
CA LYS A 603 -19.35 -30.08 3.08
C LYS A 603 -18.75 -29.87 4.45
N TYR A 604 -17.47 -30.25 4.57
CA TYR A 604 -16.71 -30.24 5.83
C TYR A 604 -15.33 -29.63 5.52
N ARG A 605 -14.68 -29.12 6.54
CA ARG A 605 -13.28 -28.67 6.40
C ARG A 605 -12.30 -29.74 6.90
N ILE A 606 -11.30 -30.08 6.09
CA ILE A 606 -10.15 -30.90 6.50
C ILE A 606 -8.99 -29.94 6.66
N ILE A 607 -8.29 -30.08 7.76
CA ILE A 607 -7.27 -29.15 8.27
C ILE A 607 -6.04 -29.96 8.64
N PHE A 608 -4.89 -29.53 8.14
CA PHE A 608 -3.63 -30.24 8.46
C PHE A 608 -2.46 -29.30 8.28
N LYS A 609 -1.31 -29.71 8.78
CA LYS A 609 -0.07 -28.92 8.72
C LYS A 609 0.71 -29.30 7.47
N ALA A 610 0.85 -28.35 6.55
CA ALA A 610 1.69 -28.50 5.37
C ALA A 610 3.10 -27.99 5.69
N ARG A 611 4.11 -28.77 5.31
N ARG A 611 4.10 -28.77 5.30
CA ARG A 611 5.54 -28.39 5.42
CA ARG A 611 5.53 -28.39 5.42
C ARG A 611 6.03 -28.13 4.00
C ARG A 611 6.03 -28.13 4.00
N VAL A 612 6.44 -26.90 3.72
CA VAL A 612 6.71 -26.45 2.33
C VAL A 612 8.10 -25.84 2.28
N PRO A 613 8.92 -26.25 1.30
CA PRO A 613 10.28 -25.71 1.21
C PRO A 613 10.28 -24.23 0.91
N PRO A 614 11.45 -23.58 1.11
CA PRO A 614 11.65 -22.17 0.78
C PRO A 614 11.30 -22.02 -0.70
N MET A 615 10.48 -21.02 -1.09
CA MET A 615 10.19 -20.71 -2.52
C MET A 615 9.81 -22.01 -3.22
N GLY A 616 9.04 -22.86 -2.55
CA GLY A 616 8.84 -24.25 -2.99
C GLY A 616 7.41 -24.74 -3.02
N LEU A 617 7.27 -26.06 -3.26
CA LEU A 617 5.96 -26.73 -3.40
C LEU A 617 5.98 -28.03 -2.60
N ALA A 618 4.85 -28.42 -2.09
CA ALA A 618 4.68 -29.71 -1.40
C ALA A 618 3.33 -30.33 -1.77
N THR A 619 3.33 -31.61 -2.08
CA THR A 619 2.11 -32.33 -2.51
C THR A 619 1.56 -33.22 -1.41
N TYR A 620 0.26 -33.15 -1.17
CA TYR A 620 -0.46 -34.03 -0.23
C TYR A 620 -1.61 -34.70 -0.94
N VAL A 621 -2.10 -35.73 -0.27
CA VAL A 621 -3.22 -36.54 -0.80
C VAL A 621 -4.30 -36.63 0.25
N LEU A 622 -5.52 -36.38 -0.17
CA LEU A 622 -6.74 -36.51 0.65
C LEU A 622 -7.45 -37.81 0.21
N THR A 623 -7.72 -38.72 1.14
CA THR A 623 -8.31 -40.05 0.82
C THR A 623 -9.54 -40.33 1.69
N ILE A 624 -10.62 -40.79 1.07
CA ILE A 624 -11.89 -41.04 1.80
C ILE A 624 -11.81 -42.43 2.45
N SER A 625 -12.49 -42.61 3.59
CA SER A 625 -12.74 -43.94 4.24
C SER A 625 -14.20 -44.04 4.67
N ASP A 626 -14.65 -45.22 5.12
CA ASP A 626 -16.10 -45.45 5.44
C ASP A 626 -16.40 -44.92 6.84
N SER A 627 -15.40 -44.78 7.73
CA SER A 627 -15.58 -44.28 9.11
C SER A 627 -14.36 -43.47 9.58
N LYS A 628 -14.40 -42.98 10.82
CA LYS A 628 -13.35 -42.13 11.44
C LYS A 628 -11.98 -42.76 11.17
N PRO A 629 -11.08 -42.13 10.38
CA PRO A 629 -9.77 -42.71 10.12
C PRO A 629 -8.81 -42.48 11.29
N GLU A 630 -7.69 -43.17 11.26
CA GLU A 630 -6.78 -43.26 12.43
C GLU A 630 -6.14 -41.92 12.79
N HIS A 631 -5.86 -41.03 11.83
CA HIS A 631 -5.02 -39.84 12.08
C HIS A 631 -5.85 -38.56 11.85
N THR A 632 -7.16 -38.65 11.88
CA THR A 632 -8.06 -37.49 11.73
C THR A 632 -8.92 -37.37 12.97
N SER A 633 -8.85 -36.23 13.64
CA SER A 633 -9.72 -35.89 14.80
C SER A 633 -10.87 -34.99 14.34
N TYR A 634 -11.89 -34.83 15.20
CA TYR A 634 -13.14 -34.10 14.92
C TYR A 634 -13.34 -33.04 15.98
N ALA A 635 -13.58 -31.80 15.56
CA ALA A 635 -13.80 -30.69 16.49
C ALA A 635 -15.14 -30.88 17.22
N SER A 636 -15.20 -30.44 18.46
CA SER A 636 -16.51 -30.27 19.13
C SER A 636 -17.05 -28.88 18.80
N ASN A 637 -18.34 -28.70 18.86
CA ASN A 637 -19.05 -27.44 18.57
C ASN A 637 -20.05 -27.20 19.68
N LEU A 638 -19.91 -26.04 20.31
CA LEU A 638 -20.80 -25.58 21.39
C LEU A 638 -21.48 -24.30 20.90
N LEU A 639 -22.80 -24.32 20.84
CA LEU A 639 -23.60 -23.14 20.51
C LEU A 639 -24.16 -22.51 21.79
N LEU A 640 -23.76 -21.29 22.10
CA LEU A 640 -24.11 -20.60 23.36
C LEU A 640 -25.21 -19.62 23.02
N ARG A 641 -26.43 -20.00 23.40
CA ARG A 641 -27.68 -19.27 23.08
C ARG A 641 -28.77 -19.85 23.99
N LYS A 642 -29.56 -18.98 24.60
CA LYS A 642 -30.77 -19.41 25.35
C LYS A 642 -31.81 -19.95 24.35
N ASN A 643 -32.61 -20.92 24.80
CA ASN A 643 -33.74 -21.48 24.01
C ASN A 643 -33.26 -22.14 22.71
N PRO A 644 -32.21 -22.99 22.76
CA PRO A 644 -31.70 -23.64 21.54
C PRO A 644 -32.72 -24.42 20.70
N THR A 645 -32.66 -24.27 19.37
CA THR A 645 -33.28 -25.21 18.38
C THR A 645 -32.19 -26.18 17.90
N SER A 646 -32.60 -27.35 17.40
CA SER A 646 -31.69 -28.41 16.93
C SER A 646 -30.77 -27.91 15.79
N LEU A 647 -29.64 -28.58 15.58
CA LEU A 647 -28.59 -28.13 14.63
C LEU A 647 -27.85 -29.34 14.07
N PRO A 648 -28.40 -29.93 13.00
CA PRO A 648 -27.81 -31.12 12.38
C PRO A 648 -26.61 -30.76 11.48
N LEU A 649 -25.70 -31.71 11.32
CA LEU A 649 -24.41 -31.55 10.55
C LEU A 649 -24.17 -32.75 9.63
N GLY A 650 -25.23 -33.35 9.12
CA GLY A 650 -25.16 -34.45 8.13
C GLY A 650 -24.35 -35.61 8.62
N GLN A 651 -23.25 -35.95 7.94
CA GLN A 651 -22.41 -37.10 8.34
C GLN A 651 -21.47 -36.75 9.51
N TYR A 652 -21.31 -35.47 9.85
CA TYR A 652 -20.32 -35.03 10.85
C TYR A 652 -20.54 -35.82 12.14
N PRO A 653 -19.51 -36.51 12.68
CA PRO A 653 -19.80 -37.55 13.68
C PRO A 653 -20.01 -37.05 15.12
N GLU A 654 -19.84 -35.74 15.40
CA GLU A 654 -19.97 -35.17 16.77
C GLU A 654 -21.21 -34.28 16.83
N ASP A 655 -22.09 -34.56 17.78
CA ASP A 655 -23.32 -33.75 17.92
C ASP A 655 -22.94 -32.38 18.48
N VAL A 656 -23.53 -31.32 17.94
CA VAL A 656 -23.45 -29.98 18.53
C VAL A 656 -23.97 -29.98 19.97
N LYS A 657 -23.26 -29.28 20.85
CA LYS A 657 -23.64 -29.09 22.27
C LYS A 657 -24.27 -27.70 22.42
N PHE A 658 -25.16 -27.52 23.37
CA PHE A 658 -25.89 -26.27 23.60
C PHE A 658 -25.68 -25.83 25.03
N GLY A 659 -25.77 -24.54 25.26
CA GLY A 659 -25.61 -23.97 26.59
C GLY A 659 -26.09 -22.55 26.57
N ASP A 660 -26.36 -21.98 27.72
CA ASP A 660 -26.64 -20.55 27.84
C ASP A 660 -25.31 -19.81 27.74
N PRO A 661 -25.30 -18.52 27.36
CA PRO A 661 -24.07 -17.74 27.30
C PRO A 661 -23.24 -17.83 28.56
N ARG A 662 -21.94 -17.96 28.38
CA ARG A 662 -21.05 -18.01 29.55
C ARG A 662 -19.65 -17.67 29.09
N GLU A 663 -18.80 -17.35 30.06
CA GLU A 663 -17.35 -17.19 29.80
C GLU A 663 -16.76 -18.52 29.36
N ILE A 664 -15.79 -18.44 28.45
CA ILE A 664 -15.14 -19.59 27.76
C ILE A 664 -13.62 -19.36 27.85
N SER A 665 -12.86 -20.43 28.00
CA SER A 665 -11.37 -20.42 27.89
CA SER A 665 -11.38 -20.41 27.85
C SER A 665 -10.96 -21.50 26.88
N LEU A 666 -9.98 -21.20 26.02
CA LEU A 666 -9.44 -22.17 25.05
C LEU A 666 -7.92 -22.10 25.05
N ARG A 667 -7.34 -23.24 24.74
CA ARG A 667 -5.90 -23.36 24.54
C ARG A 667 -5.67 -24.39 23.44
N VAL A 668 -4.90 -24.04 22.42
CA VAL A 668 -4.48 -25.05 21.41
C VAL A 668 -3.00 -25.32 21.64
N GLY A 669 -2.63 -26.61 21.62
CA GLY A 669 -1.22 -27.02 21.75
C GLY A 669 -0.63 -26.47 23.04
N ASN A 670 0.59 -25.98 23.01
N ASN A 670 0.61 -26.02 22.97
CA ASN A 670 1.24 -25.45 24.24
CA ASN A 670 1.35 -25.42 24.12
C ASN A 670 1.21 -23.92 24.14
C ASN A 670 1.41 -23.91 23.87
N GLY A 671 0.36 -23.38 23.25
CA GLY A 671 0.27 -21.96 22.92
C GLY A 671 -0.45 -21.23 24.03
N PRO A 672 -0.86 -19.98 23.81
CA PRO A 672 -1.48 -19.22 24.89
C PRO A 672 -2.90 -19.72 25.17
N THR A 673 -3.38 -19.40 26.37
CA THR A 673 -4.76 -19.64 26.78
C THR A 673 -5.53 -18.32 26.69
N LEU A 674 -6.64 -18.32 25.99
CA LEU A 674 -7.46 -17.10 25.79
C LEU A 674 -8.77 -17.29 26.50
N ALA A 675 -9.24 -16.24 27.18
CA ALA A 675 -10.55 -16.25 27.86
C ALA A 675 -11.43 -15.26 27.11
N PHE A 676 -12.69 -15.60 27.01
CA PHE A 676 -13.71 -14.82 26.28
C PHE A 676 -14.86 -14.46 27.20
N SER A 677 -15.49 -13.32 26.96
CA SER A 677 -16.71 -12.89 27.66
C SER A 677 -17.90 -13.72 27.19
N GLU A 678 -19.04 -13.59 27.88
CA GLU A 678 -20.27 -14.28 27.46
C GLU A 678 -20.78 -13.72 26.11
N GLN A 679 -20.23 -12.57 25.65
CA GLN A 679 -20.58 -12.01 24.31
C GLN A 679 -19.56 -12.50 23.27
N GLY A 680 -18.65 -13.42 23.62
CA GLY A 680 -17.73 -14.07 22.66
C GLY A 680 -16.57 -13.17 22.31
N LEU A 681 -16.30 -12.14 23.10
CA LEU A 681 -15.17 -11.20 22.87
C LEU A 681 -14.00 -11.55 23.78
N LEU A 682 -12.78 -11.43 23.28
CA LEU A 682 -11.60 -11.72 24.09
C LEU A 682 -11.61 -10.82 25.33
N LYS A 683 -11.20 -11.39 26.49
CA LYS A 683 -10.98 -10.63 27.74
C LYS A 683 -9.60 -10.87 28.37
N SER A 684 -8.90 -11.97 28.07
CA SER A 684 -7.55 -12.18 28.62
C SER A 684 -6.76 -13.18 27.79
N ILE A 685 -5.45 -12.98 27.84
CA ILE A 685 -4.43 -13.88 27.29
C ILE A 685 -3.50 -14.30 28.44
N GLN A 686 -3.26 -15.59 28.53
CA GLN A 686 -2.20 -16.15 29.39
C GLN A 686 -1.16 -16.79 28.48
N LEU A 687 0.05 -16.26 28.46
CA LEU A 687 1.10 -16.73 27.55
C LEU A 687 1.53 -18.16 27.88
N THR A 688 1.76 -18.46 29.16
CA THR A 688 2.20 -19.82 29.58
C THR A 688 1.36 -20.31 30.77
N GLN A 689 1.38 -21.62 31.06
CA GLN A 689 0.72 -22.24 32.24
C GLN A 689 0.99 -21.42 33.51
N ASP A 690 2.21 -20.94 33.71
CA ASP A 690 2.64 -20.29 34.99
C ASP A 690 2.28 -18.81 35.01
N SER A 691 2.01 -18.20 33.86
CA SER A 691 2.12 -16.73 33.71
C SER A 691 0.78 -16.11 34.07
N PRO A 692 0.74 -14.79 34.27
CA PRO A 692 -0.50 -14.11 34.63
C PRO A 692 -1.54 -14.10 33.50
N HIS A 693 -2.81 -14.05 33.86
CA HIS A 693 -3.92 -13.82 32.91
C HIS A 693 -3.90 -12.32 32.61
N VAL A 694 -3.47 -11.92 31.41
CA VAL A 694 -3.25 -10.50 31.09
C VAL A 694 -4.53 -9.97 30.47
N PRO A 695 -5.16 -8.93 31.04
CA PRO A 695 -6.40 -8.39 30.48
C PRO A 695 -6.18 -7.76 29.10
N VAL A 696 -6.98 -8.23 28.15
CA VAL A 696 -6.94 -7.76 26.74
C VAL A 696 -8.37 -7.92 26.23
N HIS A 697 -9.09 -6.81 26.15
CA HIS A 697 -10.54 -6.79 25.87
C HIS A 697 -10.76 -6.26 24.44
N PHE A 698 -11.45 -7.03 23.62
CA PHE A 698 -11.99 -6.52 22.32
C PHE A 698 -13.36 -5.88 22.58
N LYS A 699 -13.61 -4.74 21.92
CA LYS A 699 -14.91 -4.03 21.98
C LYS A 699 -15.17 -3.42 20.60
N PHE A 700 -16.42 -3.26 20.23
CA PHE A 700 -16.84 -2.56 19.00
C PHE A 700 -17.58 -1.29 19.41
N LEU A 701 -17.19 -0.16 18.80
CA LEU A 701 -17.88 1.13 19.04
C LEU A 701 -18.23 1.76 17.70
N LYS A 702 -18.99 2.85 17.77
CA LYS A 702 -19.46 3.59 16.59
C LYS A 702 -19.04 5.06 16.73
N TYR A 703 -18.57 5.60 15.61
CA TYR A 703 -18.48 7.05 15.39
C TYR A 703 -19.60 7.49 14.49
N GLY A 704 -20.06 8.70 14.76
CA GLY A 704 -21.09 9.33 13.94
C GLY A 704 -20.55 10.55 13.22
N VAL A 705 -21.47 11.36 12.72
CA VAL A 705 -21.19 12.52 11.85
C VAL A 705 -21.86 13.75 12.51
N ARG A 706 -21.33 14.93 12.20
CA ARG A 706 -21.80 16.20 12.82
C ARG A 706 -23.07 16.64 12.09
N SER A 707 -24.12 16.94 12.83
CA SER A 707 -25.43 17.39 12.28
C SER A 707 -25.31 18.84 11.79
N HIS A 708 -24.48 19.65 12.44
CA HIS A 708 -24.15 21.04 12.06
C HIS A 708 -22.63 21.10 11.82
N GLY A 709 -22.13 21.96 10.95
CA GLY A 709 -20.68 22.00 10.68
C GLY A 709 -20.21 20.87 9.76
N ASP A 710 -18.90 20.69 9.65
CA ASP A 710 -18.33 20.00 8.47
C ASP A 710 -18.64 18.51 8.61
N ARG A 711 -19.04 17.91 7.50
CA ARG A 711 -19.45 16.49 7.41
C ARG A 711 -18.28 15.63 6.93
N SER A 712 -18.15 14.49 7.57
CA SER A 712 -17.28 13.38 7.08
C SER A 712 -17.69 13.00 5.66
N GLY A 713 -16.70 12.61 4.83
CA GLY A 713 -16.95 11.98 3.55
C GLY A 713 -15.81 11.02 3.23
N ALA A 714 -15.63 10.68 1.97
CA ALA A 714 -14.60 9.68 1.59
C ALA A 714 -13.20 10.08 2.08
N TYR A 715 -12.90 11.38 2.18
CA TYR A 715 -11.56 11.86 2.52
C TYR A 715 -11.48 12.15 4.03
N LEU A 716 -12.43 12.94 4.52
CA LEU A 716 -12.35 13.53 5.86
C LEU A 716 -13.04 12.65 6.91
N PHE A 717 -12.43 12.62 8.09
CA PHE A 717 -12.99 11.98 9.30
C PHE A 717 -13.29 13.13 10.28
N LEU A 718 -14.58 13.42 10.47
CA LEU A 718 -15.04 14.53 11.34
C LEU A 718 -16.06 14.00 12.34
N PRO A 719 -15.59 13.23 13.34
CA PRO A 719 -16.52 12.53 14.23
C PRO A 719 -17.24 13.56 15.11
N ASN A 720 -18.49 13.22 15.48
CA ASN A 720 -19.27 13.99 16.49
C ASN A 720 -18.88 13.49 17.89
N GLY A 721 -17.63 13.70 18.28
CA GLY A 721 -17.11 13.32 19.60
C GLY A 721 -16.59 11.89 19.62
N PRO A 722 -16.15 11.42 20.79
CA PRO A 722 -15.68 10.05 21.00
C PRO A 722 -16.70 9.00 20.57
N ALA A 723 -16.17 7.80 20.29
CA ALA A 723 -16.99 6.68 19.85
C ALA A 723 -17.89 6.22 21.00
N SER A 724 -19.06 5.76 20.64
CA SER A 724 -20.14 5.32 21.56
C SER A 724 -20.18 3.80 21.53
N PRO A 725 -20.41 3.19 22.72
CA PRO A 725 -20.75 1.78 22.80
C PRO A 725 -21.90 1.39 21.86
N VAL A 726 -21.78 0.21 21.28
CA VAL A 726 -22.77 -0.43 20.37
C VAL A 726 -23.55 -1.46 21.18
N GLU A 727 -24.89 -1.46 21.07
CA GLU A 727 -25.75 -2.45 21.78
C GLU A 727 -25.61 -3.80 21.05
N LEU A 728 -25.10 -4.80 21.76
CA LEU A 728 -24.83 -6.16 21.19
C LEU A 728 -26.03 -7.06 21.44
N GLY A 729 -26.90 -6.66 22.39
CA GLY A 729 -27.95 -7.57 22.90
C GLY A 729 -27.32 -8.75 23.58
N GLN A 730 -27.82 -9.94 23.27
CA GLN A 730 -27.34 -11.25 23.79
C GLN A 730 -26.98 -12.06 22.55
N PRO A 731 -25.81 -11.78 21.96
CA PRO A 731 -25.48 -12.39 20.68
C PRO A 731 -25.18 -13.88 20.80
N VAL A 732 -25.32 -14.59 19.69
CA VAL A 732 -25.07 -16.05 19.61
C VAL A 732 -23.57 -16.31 19.45
N VAL A 733 -23.03 -17.18 20.27
CA VAL A 733 -21.58 -17.49 20.32
C VAL A 733 -21.39 -18.96 19.96
N LEU A 734 -20.52 -19.22 18.99
CA LEU A 734 -20.21 -20.59 18.52
C LEU A 734 -18.76 -20.92 18.82
N VAL A 735 -18.54 -21.99 19.61
CA VAL A 735 -17.18 -22.39 20.06
C VAL A 735 -16.88 -23.69 19.36
N THR A 736 -15.85 -23.71 18.50
CA THR A 736 -15.37 -24.92 17.82
C THR A 736 -14.01 -25.23 18.43
N LYS A 737 -13.91 -26.41 19.04
CA LYS A 737 -12.70 -26.81 19.79
C LYS A 737 -12.11 -28.02 19.12
N GLY A 738 -10.86 -27.88 18.64
CA GLY A 738 -10.15 -28.97 17.98
C GLY A 738 -8.73 -29.11 18.48
N LYS A 739 -8.13 -30.25 18.15
CA LYS A 739 -6.72 -30.48 18.52
C LYS A 739 -5.79 -29.54 17.77
N LEU A 740 -6.10 -29.24 16.50
CA LEU A 740 -5.20 -28.37 15.68
C LEU A 740 -5.70 -26.94 15.59
N GLU A 741 -7.02 -26.72 15.62
CA GLU A 741 -7.60 -25.39 15.43
C GLU A 741 -8.89 -25.27 16.24
N SER A 742 -9.01 -24.19 16.97
CA SER A 742 -10.21 -23.82 17.76
C SER A 742 -10.63 -22.40 17.38
N SER A 743 -11.89 -22.08 17.56
CA SER A 743 -12.35 -20.70 17.34
C SER A 743 -13.56 -20.36 18.20
N VAL A 744 -13.67 -19.08 18.46
CA VAL A 744 -14.91 -18.48 19.04
C VAL A 744 -15.40 -17.48 18.00
N SER A 745 -16.64 -17.64 17.56
CA SER A 745 -17.29 -16.78 16.55
C SER A 745 -18.54 -16.21 17.21
N VAL A 746 -18.79 -14.93 17.01
CA VAL A 746 -20.04 -14.31 17.51
C VAL A 746 -20.69 -13.45 16.43
N GLY A 747 -22.01 -13.52 16.32
CA GLY A 747 -22.80 -12.72 15.36
C GLY A 747 -23.22 -11.39 15.99
N LEU A 748 -22.45 -10.32 15.81
CA LEU A 748 -22.76 -8.98 16.33
C LEU A 748 -23.45 -8.20 15.23
N PRO A 749 -24.18 -7.13 15.57
CA PRO A 749 -24.72 -6.26 14.54
C PRO A 749 -23.54 -5.68 13.72
N SER A 750 -23.62 -5.98 12.44
CA SER A 750 -22.74 -5.50 11.35
C SER A 750 -21.44 -6.31 11.31
N VAL A 751 -21.18 -7.18 12.27
CA VAL A 751 -19.87 -7.91 12.30
C VAL A 751 -20.05 -9.34 12.79
N VAL A 752 -19.61 -10.30 11.99
CA VAL A 752 -19.36 -11.68 12.50
C VAL A 752 -17.88 -11.69 12.90
N HIS A 753 -17.61 -11.72 14.21
CA HIS A 753 -16.27 -11.57 14.84
C HIS A 753 -15.78 -12.96 15.22
N GLN A 754 -14.59 -13.31 14.75
N GLN A 754 -14.57 -13.33 14.80
CA GLN A 754 -13.97 -14.61 15.03
CA GLN A 754 -14.05 -14.68 14.98
C GLN A 754 -12.58 -14.41 15.63
C GLN A 754 -12.59 -14.62 15.47
N THR A 755 -12.32 -15.27 16.60
CA THR A 755 -10.96 -15.47 17.13
C THR A 755 -10.56 -16.89 16.86
N ILE A 756 -9.45 -17.10 16.15
CA ILE A 756 -9.02 -18.44 15.72
C ILE A 756 -7.69 -18.73 16.35
N MET A 757 -7.55 -19.94 16.88
CA MET A 757 -6.34 -20.37 17.63
CA MET A 757 -6.32 -20.34 17.62
C MET A 757 -5.73 -21.59 16.97
N ARG A 758 -4.44 -21.55 16.65
CA ARG A 758 -3.75 -22.68 16.01
C ARG A 758 -2.44 -22.97 16.75
N GLY A 759 -2.25 -22.41 17.95
CA GLY A 759 -1.12 -22.80 18.81
C GLY A 759 -0.16 -21.67 19.06
N GLY A 760 -0.33 -20.53 18.38
CA GLY A 760 0.43 -19.31 18.71
C GLY A 760 -0.46 -18.11 18.71
N ALA A 761 -0.02 -16.96 18.18
CA ALA A 761 -0.80 -15.71 18.17
C ALA A 761 -2.15 -16.00 17.50
N PRO A 762 -3.26 -15.61 18.14
CA PRO A 762 -4.54 -15.78 17.50
C PRO A 762 -4.68 -14.96 16.20
N GLU A 763 -5.59 -15.47 15.39
CA GLU A 763 -6.07 -14.82 14.14
C GLU A 763 -7.43 -14.24 14.44
N ILE A 764 -7.64 -13.00 14.06
CA ILE A 764 -8.97 -12.37 14.20
C ILE A 764 -9.55 -12.19 12.81
N ARG A 765 -10.80 -12.56 12.58
CA ARG A 765 -11.49 -12.32 11.30
C ARG A 765 -12.77 -11.56 11.60
N ASN A 766 -13.03 -10.49 10.87
CA ASN A 766 -14.30 -9.75 10.99
C ASN A 766 -14.98 -9.79 9.64
N LEU A 767 -16.19 -10.33 9.57
CA LEU A 767 -17.04 -10.23 8.37
C LEU A 767 -17.90 -8.98 8.58
N VAL A 768 -17.50 -7.87 7.96
CA VAL A 768 -18.07 -6.54 8.23
C VAL A 768 -19.13 -6.21 7.17
N ASP A 769 -20.37 -6.06 7.63
CA ASP A 769 -21.49 -5.67 6.74
C ASP A 769 -22.24 -4.50 7.40
N ILE A 770 -21.85 -3.28 7.07
CA ILE A 770 -22.41 -2.06 7.72
C ILE A 770 -23.82 -1.84 7.16
N GLY A 771 -24.22 -2.54 6.11
CA GLY A 771 -25.65 -2.55 5.72
C GLY A 771 -26.10 -1.15 5.35
N SER A 772 -27.24 -0.71 5.88
CA SER A 772 -27.82 0.63 5.58
C SER A 772 -27.60 1.58 6.76
N LEU A 773 -26.59 1.35 7.61
CA LEU A 773 -26.35 2.23 8.79
C LEU A 773 -25.70 3.53 8.31
N ASP A 774 -26.48 4.46 7.76
CA ASP A 774 -25.92 5.75 7.25
C ASP A 774 -25.18 6.52 8.36
N ASN A 775 -24.13 7.26 7.98
CA ASN A 775 -23.41 8.18 8.89
C ASN A 775 -22.87 7.44 10.12
N THR A 776 -22.27 6.28 9.87
CA THR A 776 -21.70 5.41 10.93
C THR A 776 -20.28 4.96 10.50
N GLU A 777 -19.37 5.02 11.43
CA GLU A 777 -18.02 4.38 11.31
C GLU A 777 -17.91 3.34 12.43
N ILE A 778 -17.64 2.11 12.06
CA ILE A 778 -17.50 0.98 13.00
C ILE A 778 -16.04 0.86 13.37
N VAL A 779 -15.72 0.91 14.65
CA VAL A 779 -14.32 0.80 15.12
C VAL A 779 -14.20 -0.46 15.98
N MET A 780 -13.12 -1.17 15.85
CA MET A 780 -12.72 -2.28 16.75
C MET A 780 -11.65 -1.75 17.67
N ARG A 781 -11.88 -1.85 19.00
CA ARG A 781 -10.93 -1.32 20.00
C ARG A 781 -10.43 -2.47 20.88
N LEU A 782 -9.16 -2.39 21.25
CA LEU A 782 -8.51 -3.27 22.27
C LEU A 782 -8.21 -2.41 23.48
N GLU A 783 -8.55 -2.93 24.67
CA GLU A 783 -8.27 -2.24 25.95
C GLU A 783 -7.40 -3.16 26.81
N THR A 784 -6.29 -2.63 27.29
CA THR A 784 -5.28 -3.34 28.10
C THR A 784 -4.84 -2.44 29.26
N HIS A 785 -4.04 -3.01 30.15
CA HIS A 785 -3.37 -2.25 31.23
C HIS A 785 -1.93 -2.00 30.85
N ILE A 786 -1.60 -2.08 29.55
CA ILE A 786 -0.22 -1.74 29.12
C ILE A 786 -0.06 -0.25 29.35
N ASP A 787 1.00 0.14 30.03
CA ASP A 787 1.15 1.55 30.43
C ASP A 787 1.88 2.32 29.32
N SER A 788 1.21 2.47 28.17
CA SER A 788 1.80 3.08 26.96
C SER A 788 1.78 4.61 27.04
N GLY A 789 0.90 5.20 27.86
CA GLY A 789 0.80 6.67 27.98
C GLY A 789 0.21 7.25 26.70
N ASP A 790 1.02 8.07 26.03
CA ASP A 790 0.62 8.77 24.80
C ASP A 790 1.37 8.17 23.61
N ILE A 791 2.15 7.10 23.78
CA ILE A 791 3.02 6.56 22.71
C ILE A 791 2.35 5.35 22.05
N PHE A 792 2.47 5.29 20.72
CA PHE A 792 2.06 4.07 19.96
C PHE A 792 2.90 4.06 18.69
N TYR A 793 2.80 2.95 17.96
CA TYR A 793 3.63 2.72 16.76
C TYR A 793 2.72 2.21 15.64
N THR A 794 2.91 2.78 14.47
CA THR A 794 2.16 2.35 13.28
C THR A 794 3.14 2.17 12.16
N ASP A 795 2.79 1.36 11.16
CA ASP A 795 3.74 1.21 10.05
C ASP A 795 3.47 2.19 8.92
N LEU A 796 4.50 2.33 8.12
CA LEU A 796 4.46 3.09 6.87
C LEU A 796 4.70 2.10 5.74
N ASN A 797 3.65 1.88 4.94
CA ASN A 797 3.69 1.10 3.70
C ASN A 797 4.22 -0.32 3.92
N GLY A 798 4.01 -0.90 5.10
CA GLY A 798 4.49 -2.29 5.30
C GLY A 798 6.01 -2.37 5.40
N LEU A 799 6.74 -1.27 5.50
CA LEU A 799 8.22 -1.22 5.37
C LEU A 799 8.86 -0.96 6.75
N GLN A 800 8.28 -0.10 7.56
CA GLN A 800 8.95 0.46 8.77
C GLN A 800 7.87 0.81 9.78
N PHE A 801 8.22 0.83 11.07
CA PHE A 801 7.30 1.26 12.14
C PHE A 801 7.83 2.56 12.70
N ILE A 802 6.93 3.51 12.73
CA ILE A 802 7.22 4.89 13.17
C ILE A 802 6.51 5.15 14.50
N LYS A 803 7.25 5.81 15.43
CA LYS A 803 6.70 6.21 16.72
C LYS A 803 5.70 7.33 16.48
N ARG A 804 4.52 7.16 17.06
CA ARG A 804 3.47 8.18 17.11
C ARG A 804 3.36 8.69 18.54
N ARG A 805 2.88 9.93 18.67
CA ARG A 805 2.53 10.49 20.01
C ARG A 805 1.15 11.08 19.86
N ARG A 806 0.24 10.56 20.65
CA ARG A 806 -1.12 11.11 20.73
C ARG A 806 -1.03 12.53 21.28
N LEU A 807 -1.74 13.48 20.67
CA LEU A 807 -1.63 14.90 21.04
C LEU A 807 -3.01 15.42 21.38
N ASP A 808 -3.25 15.73 22.66
CA ASP A 808 -4.63 16.16 23.05
C ASP A 808 -4.89 17.56 22.53
N LYS A 809 -3.87 18.31 22.14
CA LYS A 809 -4.05 19.64 21.51
C LYS A 809 -4.61 19.49 20.09
N LEU A 810 -4.56 18.28 19.51
CA LEU A 810 -5.16 18.08 18.17
C LEU A 810 -6.48 17.34 18.33
N PRO A 811 -7.39 17.49 17.38
CA PRO A 811 -8.66 16.77 17.43
C PRO A 811 -8.45 15.27 17.17
N LEU A 812 -9.44 14.51 17.57
CA LEU A 812 -9.41 13.03 17.58
C LEU A 812 -8.95 12.54 16.19
N GLN A 813 -9.51 13.12 15.15
CA GLN A 813 -9.27 12.67 13.75
C GLN A 813 -7.81 12.91 13.36
N ALA A 814 -7.11 13.86 13.98
CA ALA A 814 -5.69 14.13 13.72
C ALA A 814 -4.83 13.06 14.36
N ASN A 815 -5.32 12.33 15.35
CA ASN A 815 -4.55 11.28 16.04
C ASN A 815 -4.76 9.90 15.36
N TYR A 816 -5.53 9.88 14.29
CA TYR A 816 -5.70 8.71 13.40
C TYR A 816 -4.58 8.76 12.38
N TYR A 817 -4.04 7.58 12.12
CA TYR A 817 -2.90 7.34 11.22
C TYR A 817 -3.25 6.15 10.34
N PRO A 818 -2.54 6.02 9.21
CA PRO A 818 -2.74 4.82 8.40
C PRO A 818 -2.20 3.62 9.17
N ILE A 819 -2.87 2.49 9.03
CA ILE A 819 -2.42 1.19 9.57
C ILE A 819 -2.28 0.27 8.37
N PRO A 820 -1.22 0.46 7.54
CA PRO A 820 -1.13 -0.32 6.33
C PRO A 820 -0.79 -1.78 6.60
N SER A 821 -0.15 -2.13 7.71
CA SER A 821 0.14 -3.54 8.03
C SER A 821 0.21 -3.85 9.53
N GLY A 822 0.33 -2.82 10.38
CA GLY A 822 0.34 -3.14 11.82
C GLY A 822 0.53 -1.94 12.70
N MET A 823 0.27 -2.19 13.97
CA MET A 823 0.37 -1.17 15.01
C MET A 823 0.70 -1.87 16.34
N PHE A 824 1.32 -1.15 17.26
CA PHE A 824 1.60 -1.74 18.60
C PHE A 824 1.67 -0.63 19.65
N ILE A 825 1.42 -1.10 20.88
CA ILE A 825 1.71 -0.30 22.10
C ILE A 825 2.64 -1.14 22.99
N GLU A 826 3.34 -0.45 23.88
CA GLU A 826 4.22 -1.20 24.80
C GLU A 826 4.51 -0.34 26.04
N ASP A 827 4.93 -1.06 27.09
CA ASP A 827 5.56 -0.41 28.27
C ASP A 827 6.92 -1.10 28.48
N ALA A 828 7.50 -1.03 29.71
CA ALA A 828 8.83 -1.60 29.94
C ALA A 828 8.76 -3.12 29.85
N ASN A 829 7.58 -3.72 30.05
CA ASN A 829 7.47 -5.18 30.21
C ASN A 829 6.67 -5.87 29.09
N THR A 830 5.62 -5.20 28.58
CA THR A 830 4.60 -5.88 27.76
C THR A 830 4.41 -5.09 26.46
N ARG A 831 4.23 -5.83 25.36
CA ARG A 831 3.85 -5.23 24.04
C ARG A 831 2.66 -5.99 23.50
N LEU A 832 1.71 -5.22 22.93
CA LEU A 832 0.61 -5.82 22.16
C LEU A 832 0.67 -5.26 20.73
N THR A 833 0.81 -6.18 19.79
CA THR A 833 0.89 -5.81 18.34
C THR A 833 -0.36 -6.35 17.65
N LEU A 834 -0.97 -5.52 16.79
CA LEU A 834 -2.09 -5.97 15.93
C LEU A 834 -1.57 -5.84 14.51
N LEU A 835 -1.48 -6.97 13.84
CA LEU A 835 -1.07 -7.03 12.40
C LEU A 835 -2.33 -7.12 11.56
N THR A 836 -2.33 -6.43 10.40
CA THR A 836 -3.53 -6.37 9.51
C THR A 836 -3.26 -7.01 8.14
N GLY A 837 -4.29 -7.60 7.55
CA GLY A 837 -4.27 -8.10 6.17
C GLY A 837 -4.75 -7.04 5.19
N GLN A 838 -5.00 -5.83 5.66
CA GLN A 838 -5.56 -4.76 4.81
C GLN A 838 -5.23 -3.44 5.45
N PRO A 839 -5.03 -2.37 4.68
CA PRO A 839 -4.82 -1.05 5.24
C PRO A 839 -6.13 -0.47 5.76
N LEU A 840 -6.09 0.08 6.99
CA LEU A 840 -7.26 0.67 7.67
C LEU A 840 -6.76 1.81 8.53
N GLY A 841 -7.63 2.70 8.95
CA GLY A 841 -7.21 3.82 9.82
C GLY A 841 -7.24 3.40 11.28
N GLY A 842 -6.32 3.92 12.08
CA GLY A 842 -6.33 3.53 13.51
C GLY A 842 -5.55 4.48 14.39
N SER A 843 -5.60 4.18 15.69
CA SER A 843 -5.01 5.07 16.70
C SER A 843 -4.84 4.32 18.01
N SER A 844 -4.17 5.00 18.92
CA SER A 844 -4.22 4.68 20.36
C SER A 844 -4.78 5.96 21.03
N LEU A 845 -6.07 6.02 21.35
CA LEU A 845 -6.68 7.29 21.86
C LEU A 845 -6.59 7.35 23.41
N ALA A 846 -6.07 6.32 24.05
CA ALA A 846 -5.86 6.32 25.52
C ALA A 846 -4.79 5.30 25.84
N SER A 847 -4.07 5.49 26.96
CA SER A 847 -3.08 4.52 27.41
C SER A 847 -3.68 3.11 27.38
N GLY A 848 -2.90 2.12 26.93
CA GLY A 848 -3.29 0.71 26.91
C GLY A 848 -4.23 0.36 25.75
N GLU A 849 -4.62 1.30 24.89
CA GLU A 849 -5.64 1.02 23.84
C GLU A 849 -4.97 0.99 22.45
N LEU A 850 -5.54 0.15 21.62
CA LEU A 850 -5.35 0.21 20.14
C LEU A 850 -6.75 0.27 19.55
N GLU A 851 -6.95 0.95 18.41
CA GLU A 851 -8.23 0.82 17.70
C GLU A 851 -8.02 0.98 16.20
N ILE A 852 -8.92 0.36 15.47
CA ILE A 852 -8.79 0.30 13.99
C ILE A 852 -10.18 0.28 13.38
N MET A 853 -10.40 1.17 12.41
CA MET A 853 -11.72 1.31 11.80
C MET A 853 -12.00 0.17 10.82
N GLN A 854 -13.21 -0.35 10.80
CA GLN A 854 -13.58 -1.50 9.98
C GLN A 854 -14.24 -1.06 8.68
N ASP A 855 -15.19 -0.13 8.80
CA ASP A 855 -15.88 0.40 7.60
C ASP A 855 -16.59 1.68 8.00
N ARG A 856 -16.98 2.45 6.99
CA ARG A 856 -17.60 3.78 7.20
C ARG A 856 -18.60 4.01 6.09
N ARG A 857 -19.77 4.51 6.44
CA ARG A 857 -20.86 4.75 5.49
C ARG A 857 -21.35 6.19 5.74
N LEU A 858 -21.18 7.03 4.75
CA LEU A 858 -21.30 8.50 4.90
C LEU A 858 -22.31 9.02 3.86
N ALA A 859 -23.37 9.68 4.33
CA ALA A 859 -24.43 10.16 3.40
C ALA A 859 -24.01 11.43 2.68
N SER A 860 -23.08 12.20 3.23
CA SER A 860 -22.72 13.53 2.67
C SER A 860 -21.40 13.48 1.90
N ASP A 861 -21.28 14.40 0.95
CA ASP A 861 -20.00 14.76 0.30
C ASP A 861 -19.16 15.63 1.24
N ASP A 862 -17.82 15.52 1.24
CA ASP A 862 -16.94 16.35 2.09
C ASP A 862 -16.23 17.45 1.28
N GLU A 863 -16.79 17.83 0.13
CA GLU A 863 -16.43 19.08 -0.59
C GLU A 863 -14.94 19.09 -0.98
N ARG A 864 -14.43 17.93 -1.42
CA ARG A 864 -13.05 17.84 -1.93
C ARG A 864 -13.09 17.42 -3.40
N GLY A 865 -14.25 17.42 -4.05
CA GLY A 865 -14.37 17.21 -5.50
C GLY A 865 -15.02 15.91 -5.91
N LEU A 866 -15.21 14.97 -4.98
CA LEU A 866 -15.77 13.66 -5.39
C LEU A 866 -17.25 13.81 -5.73
N GLY A 867 -17.95 14.72 -5.03
CA GLY A 867 -19.38 14.95 -5.32
C GLY A 867 -20.25 13.75 -5.02
N GLN A 868 -19.91 12.94 -4.03
CA GLN A 868 -20.77 11.87 -3.48
C GLN A 868 -20.23 11.52 -2.09
N GLY A 869 -21.12 10.93 -1.31
CA GLY A 869 -20.70 10.33 -0.05
C GLY A 869 -20.17 8.93 -0.35
N VAL A 870 -20.16 8.13 0.71
CA VAL A 870 -19.79 6.69 0.61
C VAL A 870 -20.99 5.85 1.02
N LEU A 871 -21.74 5.39 0.02
CA LEU A 871 -22.99 4.60 0.26
C LEU A 871 -22.99 3.32 -0.57
N ASP A 872 -21.82 2.81 -0.96
CA ASP A 872 -21.65 1.65 -1.87
C ASP A 872 -20.89 0.55 -1.13
N ASN A 873 -21.05 0.54 0.18
CA ASN A 873 -20.42 -0.46 1.06
C ASN A 873 -20.83 -1.85 0.61
N LYS A 874 -19.93 -2.81 0.75
CA LYS A 874 -20.26 -4.24 0.55
C LYS A 874 -19.56 -5.06 1.63
N PRO A 875 -20.08 -6.26 1.92
CA PRO A 875 -19.43 -7.10 2.92
C PRO A 875 -17.94 -7.35 2.58
N VAL A 876 -17.11 -7.27 3.62
CA VAL A 876 -15.66 -7.51 3.50
C VAL A 876 -15.22 -8.37 4.68
N LEU A 877 -14.26 -9.26 4.43
CA LEU A 877 -13.64 -10.09 5.45
C LEU A 877 -12.27 -9.49 5.81
N HIS A 878 -12.18 -8.82 6.93
CA HIS A 878 -10.91 -8.26 7.43
C HIS A 878 -10.21 -9.34 8.24
N ILE A 879 -8.89 -9.40 8.12
CA ILE A 879 -8.09 -10.41 8.88
C ILE A 879 -6.96 -9.75 9.66
N TYR A 880 -6.61 -10.33 10.81
CA TYR A 880 -5.61 -9.76 11.72
C TYR A 880 -4.88 -10.90 12.44
N ARG A 881 -3.74 -10.55 13.01
CA ARG A 881 -3.09 -11.39 14.04
C ARG A 881 -2.87 -10.51 15.26
N LEU A 882 -2.94 -11.13 16.45
CA LEU A 882 -2.84 -10.37 17.70
C LEU A 882 -1.74 -11.02 18.53
N VAL A 883 -0.67 -10.27 18.75
CA VAL A 883 0.57 -10.82 19.38
C VAL A 883 0.82 -10.08 20.70
N LEU A 884 0.64 -10.77 21.82
CA LEU A 884 0.98 -10.27 23.17
C LEU A 884 2.32 -10.88 23.56
N GLU A 885 3.26 -10.04 23.94
CA GLU A 885 4.63 -10.54 24.20
C GLU A 885 5.23 -9.81 25.40
N LYS A 886 6.14 -10.49 26.07
CA LYS A 886 7.03 -9.82 27.07
C LYS A 886 8.21 -9.21 26.37
N VAL A 887 8.57 -7.97 26.68
CA VAL A 887 9.70 -7.27 25.98
C VAL A 887 10.76 -6.77 26.97
N ASN A 888 10.69 -7.22 28.22
CA ASN A 888 11.65 -6.71 29.24
C ASN A 888 13.03 -7.30 28.97
N ASN A 889 13.14 -8.38 28.20
CA ASN A 889 14.45 -9.00 27.84
C ASN A 889 14.87 -8.62 26.42
N CYS A 890 14.22 -7.64 25.79
CA CYS A 890 14.55 -7.24 24.40
C CYS A 890 15.47 -6.03 24.43
N VAL A 891 16.39 -5.94 23.47
CA VAL A 891 17.22 -4.72 23.27
C VAL A 891 16.36 -3.71 22.49
N ARG A 892 15.91 -2.65 23.15
CA ARG A 892 14.98 -1.68 22.53
C ARG A 892 15.73 -0.40 22.20
N PRO A 893 15.25 0.36 21.19
CA PRO A 893 15.86 1.65 20.88
C PRO A 893 15.74 2.54 22.11
N SER A 894 16.62 3.54 22.21
CA SER A 894 16.50 4.53 23.31
C SER A 894 15.19 5.29 23.15
N GLU A 895 14.78 5.98 24.21
CA GLU A 895 13.52 6.74 24.30
C GLU A 895 13.51 7.82 23.19
N LEU A 896 14.66 8.24 22.66
CA LEU A 896 14.71 9.34 21.66
C LEU A 896 14.57 8.79 20.23
N HIS A 897 14.66 7.49 20.02
CA HIS A 897 14.72 6.94 18.64
C HIS A 897 13.32 7.05 18.05
N PRO A 898 13.14 7.64 16.84
CA PRO A 898 11.77 7.80 16.30
C PRO A 898 11.18 6.53 15.69
N ALA A 899 11.91 5.42 15.66
CA ALA A 899 11.41 4.15 15.06
C ALA A 899 11.09 3.12 16.15
N GLY A 900 10.29 2.14 15.80
CA GLY A 900 10.14 0.87 16.52
C GLY A 900 10.38 -0.31 15.59
N TYR A 901 10.62 -1.48 16.17
CA TYR A 901 10.85 -2.72 15.42
C TYR A 901 9.97 -3.83 15.97
N LEU A 902 9.50 -4.69 15.04
CA LEU A 902 8.74 -5.89 15.41
C LEU A 902 9.69 -6.90 16.03
N THR A 903 9.11 -7.77 16.84
CA THR A 903 9.75 -9.03 17.20
C THR A 903 9.64 -10.05 16.07
N SER A 904 10.37 -11.15 16.18
CA SER A 904 10.26 -12.30 15.25
C SER A 904 8.81 -12.77 15.16
N ALA A 905 8.15 -12.97 16.28
CA ALA A 905 6.79 -13.53 16.27
C ALA A 905 5.83 -12.58 15.52
N ALA A 906 5.90 -11.29 15.79
CA ALA A 906 5.03 -10.31 15.11
C ALA A 906 5.35 -10.28 13.62
N HIS A 907 6.63 -10.28 13.23
CA HIS A 907 6.99 -10.25 11.79
C HIS A 907 6.41 -11.49 11.11
N LYS A 908 6.60 -12.68 11.68
CA LYS A 908 6.07 -13.92 11.09
C LYS A 908 4.54 -13.84 11.00
N ALA A 909 3.89 -13.24 11.99
CA ALA A 909 2.42 -13.12 11.95
C ALA A 909 2.01 -12.21 10.79
N SER A 910 2.71 -11.11 10.57
CA SER A 910 2.41 -10.22 9.42
C SER A 910 2.60 -11.04 8.12
N GLN A 911 3.70 -11.77 8.00
CA GLN A 911 3.96 -12.60 6.77
C GLN A 911 2.83 -13.60 6.59
N SER A 912 2.27 -14.17 7.66
CA SER A 912 1.14 -15.14 7.58
C SER A 912 -0.12 -14.49 6.97
N LEU A 913 -0.32 -13.20 7.20
CA LEU A 913 -1.48 -12.49 6.65
C LEU A 913 -1.19 -12.08 5.21
N LEU A 914 -0.01 -11.55 4.94
CA LEU A 914 0.26 -10.95 3.60
C LEU A 914 0.70 -12.00 2.57
N ASP A 915 1.44 -13.03 2.96
CA ASP A 915 1.97 -14.02 1.99
C ASP A 915 1.76 -15.41 2.56
N PRO A 916 0.49 -15.82 2.73
CA PRO A 916 0.23 -17.19 3.18
C PRO A 916 0.65 -18.24 2.13
N LEU A 917 0.62 -19.49 2.54
CA LEU A 917 0.72 -20.60 1.57
C LEU A 917 -0.41 -20.49 0.55
N ASP A 918 -0.08 -20.76 -0.70
CA ASP A 918 -1.07 -20.90 -1.79
C ASP A 918 -1.51 -22.34 -1.85
N LYS A 919 -2.76 -22.57 -2.20
CA LYS A 919 -3.30 -23.93 -2.22
C LYS A 919 -3.84 -24.23 -3.62
N PHE A 920 -3.56 -25.42 -4.11
CA PHE A 920 -3.95 -25.85 -5.46
C PHE A 920 -4.61 -27.23 -5.35
N ILE A 921 -5.75 -27.38 -6.00
CA ILE A 921 -6.48 -28.66 -6.05
C ILE A 921 -6.32 -29.22 -7.45
N PHE A 922 -5.78 -30.46 -7.59
CA PHE A 922 -5.65 -31.02 -8.94
C PHE A 922 -7.05 -31.22 -9.54
N ALA A 923 -7.23 -30.82 -10.79
CA ALA A 923 -8.59 -30.68 -11.36
C ALA A 923 -9.13 -32.01 -11.91
N GLU A 924 -8.28 -32.86 -12.43
CA GLU A 924 -8.73 -34.09 -13.14
C GLU A 924 -8.61 -35.28 -12.20
N ASN A 925 -9.04 -36.45 -12.66
CA ASN A 925 -9.17 -37.61 -11.74
C ASN A 925 -7.80 -38.23 -11.46
N GLU A 926 -6.86 -38.17 -12.39
CA GLU A 926 -5.55 -38.83 -12.25
C GLU A 926 -4.42 -37.85 -12.61
N TRP A 927 -3.39 -37.81 -11.79
CA TRP A 927 -2.17 -37.01 -12.04
C TRP A 927 -0.98 -37.96 -12.32
N ILE A 928 -0.89 -38.42 -13.56
CA ILE A 928 0.26 -39.26 -13.99
C ILE A 928 1.51 -38.42 -13.85
N GLY A 929 2.55 -38.97 -13.23
CA GLY A 929 3.87 -38.34 -13.07
C GLY A 929 3.90 -37.29 -11.97
N ALA A 930 2.93 -37.30 -11.07
CA ALA A 930 2.94 -36.39 -9.91
C ALA A 930 4.20 -36.56 -9.11
N GLN A 931 4.82 -35.45 -8.70
CA GLN A 931 5.99 -35.42 -7.82
C GLN A 931 5.60 -34.76 -6.50
N GLY A 932 6.37 -35.09 -5.47
CA GLY A 932 6.00 -34.78 -4.09
C GLY A 932 6.41 -33.39 -3.64
N GLN A 933 7.48 -32.86 -4.23
CA GLN A 933 8.14 -31.67 -3.65
C GLN A 933 8.89 -30.95 -4.75
N PHE A 934 8.93 -29.62 -4.65
CA PHE A 934 9.85 -28.76 -5.43
C PHE A 934 10.51 -27.78 -4.50
N GLY A 935 11.82 -27.64 -4.64
CA GLY A 935 12.60 -26.66 -3.88
C GLY A 935 13.19 -27.16 -2.57
N GLY A 936 13.20 -28.47 -2.34
CA GLY A 936 13.80 -29.06 -1.14
C GLY A 936 15.28 -28.64 -0.95
N ASP A 937 16.03 -28.26 -1.98
N ASP A 937 15.93 -28.29 -2.06
CA ASP A 937 17.43 -27.80 -1.77
CA ASP A 937 17.36 -27.87 -2.14
C ASP A 937 17.54 -26.29 -1.99
C ASP A 937 17.46 -26.39 -1.74
N HIS A 938 16.41 -25.58 -1.94
CA HIS A 938 16.52 -24.11 -1.84
C HIS A 938 17.02 -23.73 -0.46
N PRO A 939 17.93 -22.75 -0.36
CA PRO A 939 18.41 -22.27 0.93
C PRO A 939 17.26 -21.67 1.74
N SER A 940 17.26 -21.96 3.01
CA SER A 940 16.29 -21.46 4.01
C SER A 940 16.93 -20.28 4.71
N ALA A 941 16.61 -19.06 4.27
CA ALA A 941 17.33 -17.85 4.69
C ALA A 941 16.93 -17.40 6.08
N ARG A 942 17.77 -16.55 6.67
CA ARG A 942 17.45 -16.00 7.99
C ARG A 942 16.09 -15.29 7.97
N GLU A 943 15.41 -15.32 9.11
CA GLU A 943 13.98 -14.99 9.19
C GLU A 943 13.72 -13.53 8.84
N ASP A 944 14.68 -12.64 8.99
CA ASP A 944 14.50 -11.20 8.68
C ASP A 944 14.67 -10.93 7.17
N LEU A 945 15.00 -11.91 6.35
CA LEU A 945 15.28 -11.68 4.89
C LEU A 945 14.10 -12.22 4.07
N ASP A 946 13.65 -11.42 3.11
CA ASP A 946 12.63 -11.88 2.16
C ASP A 946 13.14 -11.66 0.74
N VAL A 947 12.66 -12.52 -0.15
CA VAL A 947 12.75 -12.31 -1.60
C VAL A 947 11.42 -11.70 -1.99
N SER A 948 11.37 -10.38 -1.91
CA SER A 948 10.12 -9.59 -2.13
C SER A 948 9.68 -9.79 -3.55
N VAL A 949 10.61 -9.86 -4.48
CA VAL A 949 10.33 -10.05 -5.92
C VAL A 949 11.26 -11.10 -6.53
N MET A 950 10.72 -12.00 -7.34
CA MET A 950 11.50 -12.82 -8.26
C MET A 950 10.77 -12.69 -9.60
N ARG A 951 11.45 -12.19 -10.60
CA ARG A 951 10.81 -11.87 -11.89
C ARG A 951 11.77 -12.20 -13.02
N ARG A 952 11.37 -13.11 -13.89
CA ARG A 952 12.17 -13.32 -15.14
C ARG A 952 11.99 -12.07 -16.01
N LEU A 953 13.09 -11.48 -16.48
CA LEU A 953 13.08 -10.18 -17.19
C LEU A 953 13.14 -10.32 -18.71
N THR A 954 13.35 -11.55 -19.19
CA THR A 954 13.50 -11.88 -20.61
C THR A 954 12.50 -12.91 -21.10
N LYS A 955 12.04 -12.74 -22.33
CA LYS A 955 11.24 -13.73 -23.04
C LYS A 955 12.14 -14.87 -23.54
N SER A 956 11.50 -15.94 -23.98
CA SER A 956 12.20 -17.20 -24.32
C SER A 956 13.21 -16.98 -25.45
N SER A 957 12.94 -16.04 -26.35
CA SER A 957 13.82 -15.79 -27.53
C SER A 957 15.17 -15.20 -27.10
N ALA A 958 15.30 -14.59 -25.93
CA ALA A 958 16.58 -13.99 -25.52
C ALA A 958 17.67 -15.06 -25.31
N LYS A 959 18.83 -14.85 -25.90
CA LYS A 959 19.97 -15.78 -25.76
C LYS A 959 20.50 -15.77 -24.34
N THR A 960 20.51 -14.60 -23.70
CA THR A 960 20.93 -14.51 -22.30
C THR A 960 19.62 -14.29 -21.51
N GLN A 961 19.23 -15.31 -20.75
CA GLN A 961 18.07 -15.14 -19.82
C GLN A 961 18.55 -14.29 -18.68
N ARG A 962 17.64 -13.45 -18.15
CA ARG A 962 17.91 -12.57 -17.02
CA ARG A 962 17.91 -12.57 -17.01
C ARG A 962 16.76 -12.73 -16.00
N VAL A 963 17.12 -12.91 -14.76
CA VAL A 963 16.11 -12.98 -13.66
C VAL A 963 16.46 -11.91 -12.64
N GLY A 964 15.47 -11.10 -12.25
CA GLY A 964 15.63 -10.06 -11.23
C GLY A 964 15.05 -10.48 -9.90
N TYR A 965 15.73 -10.10 -8.84
CA TYR A 965 15.34 -10.36 -7.44
C TYR A 965 15.40 -9.06 -6.70
N VAL A 966 14.40 -8.80 -5.83
CA VAL A 966 14.44 -7.73 -4.82
C VAL A 966 14.51 -8.44 -3.48
N LEU A 967 15.60 -8.18 -2.74
N LEU A 967 15.53 -8.08 -2.70
CA LEU A 967 15.82 -8.69 -1.38
CA LEU A 967 15.86 -8.71 -1.41
C LEU A 967 15.54 -7.54 -0.42
C LEU A 967 15.69 -7.64 -0.34
N HIS A 968 14.78 -7.85 0.60
CA HIS A 968 14.52 -6.93 1.73
C HIS A 968 14.92 -7.59 3.03
N ARG A 969 15.73 -6.89 3.80
N ARG A 969 15.80 -6.98 3.80
CA ARG A 969 16.03 -7.27 5.17
CA ARG A 969 16.01 -7.41 5.19
C ARG A 969 15.35 -6.29 6.11
C ARG A 969 15.38 -6.37 6.09
N THR A 970 14.44 -6.81 6.92
CA THR A 970 13.83 -6.01 7.99
C THR A 970 14.79 -6.04 9.18
N ASN A 971 14.46 -5.28 10.20
CA ASN A 971 15.19 -5.31 11.47
C ASN A 971 14.24 -5.80 12.55
N LEU A 972 14.61 -6.86 13.24
CA LEU A 972 13.76 -7.45 14.30
C LEU A 972 14.43 -7.20 15.63
N MET A 973 13.64 -6.90 16.64
CA MET A 973 14.15 -6.72 18.02
C MET A 973 14.81 -8.00 18.49
N GLN A 974 15.97 -7.86 19.14
CA GLN A 974 16.75 -9.00 19.70
C GLN A 974 16.25 -9.21 21.13
N CYS A 975 15.76 -10.41 21.41
CA CYS A 975 15.07 -10.74 22.68
C CYS A 975 15.77 -11.91 23.39
N GLY A 976 17.03 -12.17 23.06
CA GLY A 976 17.89 -13.11 23.80
C GLY A 976 17.76 -14.53 23.29
N THR A 977 16.83 -14.75 22.37
CA THR A 977 16.60 -16.04 21.67
C THR A 977 17.57 -16.10 20.48
N PRO A 978 18.70 -16.84 20.57
CA PRO A 978 19.62 -16.97 19.44
C PRO A 978 18.90 -17.58 18.22
N GLU A 979 19.06 -16.96 17.04
CA GLU A 979 18.42 -17.39 15.77
C GLU A 979 19.14 -18.66 15.29
N GLU A 980 18.46 -19.81 15.30
CA GLU A 980 19.03 -21.16 15.05
C GLU A 980 19.66 -21.23 13.65
N HIS A 981 20.09 -22.43 13.22
CA HIS A 981 20.81 -22.68 11.93
C HIS A 981 19.97 -22.18 10.75
N THR A 982 20.56 -21.31 9.93
CA THR A 982 20.00 -20.87 8.62
C THR A 982 21.09 -20.88 7.57
N GLN A 983 20.70 -20.89 6.31
CA GLN A 983 21.64 -21.00 5.17
C GLN A 983 21.74 -19.64 4.47
N LYS A 984 22.93 -19.35 3.96
CA LYS A 984 23.23 -18.16 3.11
C LYS A 984 22.37 -18.26 1.86
N LEU A 985 21.58 -17.22 1.58
CA LEU A 985 20.83 -17.15 0.32
C LEU A 985 21.58 -16.24 -0.64
N ASP A 986 22.02 -16.85 -1.73
CA ASP A 986 22.62 -16.18 -2.90
C ASP A 986 21.64 -16.35 -4.05
N VAL A 987 20.84 -15.31 -4.31
CA VAL A 987 19.81 -15.44 -5.38
C VAL A 987 20.43 -15.66 -6.76
N CYS A 988 21.69 -15.28 -6.95
CA CYS A 988 22.33 -15.37 -8.28
C CYS A 988 22.49 -16.83 -8.65
N HIS A 989 22.52 -17.75 -7.66
CA HIS A 989 22.75 -19.20 -7.89
C HIS A 989 21.46 -19.99 -7.71
N LEU A 990 20.29 -19.33 -7.63
CA LEU A 990 19.03 -20.12 -7.57
C LEU A 990 18.74 -20.84 -8.87
N LEU A 991 19.14 -20.26 -9.99
CA LEU A 991 18.93 -20.83 -11.32
C LEU A 991 20.28 -21.27 -11.88
N PRO A 992 20.30 -22.37 -12.64
CA PRO A 992 21.58 -22.90 -13.12
C PRO A 992 22.25 -22.05 -14.23
N ASN A 993 23.56 -22.31 -14.44
CA ASN A 993 24.30 -21.72 -15.59
C ASN A 993 24.35 -20.18 -15.48
N VAL A 994 24.60 -19.68 -14.27
CA VAL A 994 24.75 -18.22 -14.04
C VAL A 994 26.07 -17.81 -14.70
N ALA A 995 26.00 -16.79 -15.55
CA ALA A 995 27.15 -16.22 -16.30
C ALA A 995 27.51 -14.84 -15.74
N ARG A 996 26.59 -14.16 -15.05
CA ARG A 996 26.87 -12.82 -14.51
C ARG A 996 25.87 -12.54 -13.41
N CYS A 997 26.27 -11.82 -12.40
CA CYS A 997 25.32 -11.33 -11.36
C CYS A 997 25.64 -9.88 -11.07
N GLU A 998 24.60 -9.03 -11.12
CA GLU A 998 24.78 -7.56 -11.00
C GLU A 998 23.86 -7.06 -9.89
N ARG A 999 24.32 -6.16 -9.07
CA ARG A 999 23.45 -5.31 -8.23
C ARG A 999 22.89 -4.22 -9.13
N THR A 1000 21.59 -3.95 -9.03
CA THR A 1000 20.90 -3.00 -9.91
C THR A 1000 20.06 -2.06 -9.01
N THR A 1001 19.63 -0.98 -9.64
CA THR A 1001 18.53 -0.18 -9.05
C THR A 1001 17.35 -1.12 -8.80
N LEU A 1002 16.44 -0.71 -7.90
CA LEU A 1002 15.29 -1.59 -7.55
C LEU A 1002 14.34 -1.86 -8.74
N THR A 1003 14.33 -1.03 -9.78
CA THR A 1003 13.51 -1.20 -11.01
C THR A 1003 14.19 -2.14 -12.01
N PHE A 1004 15.41 -2.58 -11.68
CA PHE A 1004 16.28 -3.46 -12.50
C PHE A 1004 16.82 -2.71 -13.74
N LEU A 1005 16.75 -1.37 -13.81
CA LEU A 1005 17.04 -0.70 -15.09
C LEU A 1005 18.49 -0.21 -15.19
N GLN A 1006 19.24 -0.21 -14.11
CA GLN A 1006 20.64 0.29 -14.18
C GLN A 1006 21.52 -0.68 -13.39
N ASN A 1007 22.60 -1.15 -14.05
CA ASN A 1007 23.61 -2.02 -13.37
C ASN A 1007 24.46 -1.13 -12.48
N LEU A 1008 24.56 -1.42 -11.20
CA LEU A 1008 25.35 -0.62 -10.25
C LEU A 1008 26.70 -1.31 -9.97
N GLU A 1009 26.76 -2.63 -10.06
CA GLU A 1009 27.96 -3.38 -9.59
C GLU A 1009 27.97 -4.78 -10.21
N HIS A 1010 29.06 -5.14 -10.88
CA HIS A 1010 29.35 -6.51 -11.40
C HIS A 1010 29.88 -7.29 -10.20
N LEU A 1011 29.18 -8.31 -9.69
CA LEU A 1011 29.45 -8.90 -8.36
C LEU A 1011 30.50 -10.02 -8.44
N ASP A 1012 31.51 -9.87 -7.59
CA ASP A 1012 32.62 -10.82 -7.31
C ASP A 1012 32.02 -12.23 -7.18
N GLY A 1013 32.39 -13.16 -8.06
CA GLY A 1013 32.08 -14.59 -7.86
C GLY A 1013 30.65 -14.94 -8.23
N MET A 1014 29.97 -14.04 -8.93
CA MET A 1014 28.51 -14.10 -9.27
C MET A 1014 27.71 -14.38 -7.99
N VAL A 1015 28.13 -13.78 -6.88
CA VAL A 1015 27.42 -13.95 -5.58
C VAL A 1015 26.69 -12.65 -5.25
N ALA A 1016 25.38 -12.75 -4.99
CA ALA A 1016 24.55 -11.62 -4.54
C ALA A 1016 24.66 -11.59 -3.03
N PRO A 1017 25.34 -10.59 -2.45
CA PRO A 1017 25.58 -10.56 -1.01
C PRO A 1017 24.26 -10.27 -0.28
N GLU A 1018 24.14 -10.73 0.96
CA GLU A 1018 22.94 -10.44 1.78
C GLU A 1018 23.05 -8.99 2.28
N VAL A 1019 21.91 -8.34 2.40
CA VAL A 1019 21.83 -6.90 2.66
C VAL A 1019 21.78 -6.68 4.16
N CYS A 1020 21.98 -5.43 4.53
CA CYS A 1020 21.97 -4.94 5.91
C CYS A 1020 20.54 -4.80 6.42
N PRO A 1021 20.33 -4.79 7.75
CA PRO A 1021 19.01 -4.50 8.31
C PRO A 1021 18.46 -3.15 7.84
N MET A 1022 17.17 -3.23 7.46
CA MET A 1022 16.33 -2.15 6.90
C MET A 1022 16.74 -1.77 5.47
N GLU A 1023 17.54 -2.58 4.81
N GLU A 1023 17.60 -2.56 4.83
CA GLU A 1023 17.97 -2.25 3.43
CA GLU A 1023 18.12 -2.36 3.45
C GLU A 1023 17.32 -3.22 2.45
C GLU A 1023 17.27 -3.19 2.48
N THR A 1024 17.12 -2.71 1.26
CA THR A 1024 16.50 -3.41 0.13
C THR A 1024 17.51 -3.30 -1.01
N ALA A 1025 17.78 -4.38 -1.69
CA ALA A 1025 18.69 -4.39 -2.84
C ALA A 1025 18.09 -5.22 -3.96
N ALA A 1026 18.46 -4.94 -5.19
CA ALA A 1026 18.03 -5.65 -6.40
C ALA A 1026 19.25 -6.27 -7.04
N TYR A 1027 19.05 -7.49 -7.51
CA TYR A 1027 20.08 -8.21 -8.27
C TYR A 1027 19.47 -8.74 -9.54
N VAL A 1028 20.30 -8.83 -10.57
CA VAL A 1028 19.89 -9.52 -11.80
C VAL A 1028 20.96 -10.59 -12.11
N SER A 1029 20.52 -11.83 -12.26
CA SER A 1029 21.38 -12.96 -12.69
C SER A 1029 21.17 -13.14 -14.18
N SER A 1030 22.25 -13.34 -14.96
CA SER A 1030 22.21 -13.66 -16.39
C SER A 1030 22.71 -15.09 -16.59
N HIS A 1031 22.09 -15.81 -17.50
CA HIS A 1031 22.22 -17.28 -17.65
C HIS A 1031 22.45 -17.60 -19.11
N SER A 1032 23.36 -18.54 -19.38
CA SER A 1032 23.81 -18.95 -20.74
C SER A 1032 22.97 -20.11 -21.26
#